data_6WY7
#
_entry.id   6WY7
#
_cell.length_a   104.998
_cell.length_b   104.998
_cell.length_c   223.998
_cell.angle_alpha   90.000
_cell.angle_beta   90.000
_cell.angle_gamma   90.000
#
_symmetry.space_group_name_H-M   'P 43 21 2'
#
loop_
_entity.id
_entity.type
_entity.pdbx_description
1 polymer 'Myeloperoxidase light chain'
2 polymer 'Myeloperoxidase heavy chain'
3 branched alpha-D-mannopyranose-(1-3)-[alpha-D-mannopyranose-(1-6)]beta-D-mannopyranose-(1-4)-2-acetamido-2-deoxy-beta-D-glucopyranose-(1-4)-[alpha-L-fucopyranose-(1-6)]2-acetamido-2-deoxy-beta-D-glucopyranose
4 non-polymer 'CHLORIDE ION'
5 non-polymer 'HEME C'
6 non-polymer 2-acetamido-2-deoxy-beta-D-glucopyranose
7 non-polymer 'CALCIUM ION'
8 non-polymer 7-{(1R)-1-phenyl-3-[(4-phenylbicyclo[2.2.2]octan-1-yl)amino]propyl}-3H-[1,2,3]triazolo[4,5-b]pyridin-5-amine
9 water water
#
loop_
_entity_poly.entity_id
_entity_poly.type
_entity_poly.pdbx_seq_one_letter_code
_entity_poly.pdbx_strand_id
1 'polypeptide(L)'
;CPEQDKYRTITGMCNNRRSPTLGASNRAFVRWLPAEYEDGFSLPYGWTPGVKRNGFPVALARAVSNEIVRFPTDQLTPDQ
ERSLMFMQWGQLLDHDLDFTPEPAA
;
A,D
2 'polypeptide(L)'
;VNCETSCVQQPPCFPLKIPPNDPRIKNQADCIPFFRS(CSO)PACPGSNITIRNQINALTSFVDASMVYGSEEPLARNLR
NMSNQLGLLAVNQRFQDNGRALLPFDNLHDDPCLLTNRSARIPCFLAGDTRSSEMPELTSMHTLLLREHNRLATELKSLN
PRWDGERLYQEARKIVGAMVQIITYRDYLPLVLGPTAMRKYLPTYRSYNDSVDPRIANVFTNAFRYGHTLIQPFMFRLDN
RYQPMEPNPRVPLSRVFFASWRVVLEGGIDPILRGLMATPAKLNRQNQIAVDEIRERLFEQVMRIGLDLPALNMQRSRDH
GLPGYNAWRRFCGLPQPETVGQLGTVLRNLKLARKLMEQYGTPNNIDIWMGGVSEPLKRKGRVGPLLACIIGTQFRKLRD
GDRFWWENEGVFSMQQRQALAQISLPRIICDNTGITTVSKNNIFMSNSYPRDFVNCSTLPALNLASWREAS
;
B,E
#
loop_
_chem_comp.id
_chem_comp.type
_chem_comp.name
_chem_comp.formula
BMA D-saccharide, beta linking beta-D-mannopyranose 'C6 H12 O6'
CA non-polymer 'CALCIUM ION' 'Ca 2'
CL non-polymer 'CHLORIDE ION' 'Cl -1'
FUC L-saccharide, alpha linking alpha-L-fucopyranose 'C6 H12 O5'
HEC non-polymer 'HEME C' 'C34 H34 Fe N4 O4'
MAN D-saccharide, alpha linking alpha-D-mannopyranose 'C6 H12 O6'
NAG D-saccharide, beta linking 2-acetamido-2-deoxy-beta-D-glucopyranose 'C8 H15 N O6'
UFD non-polymer 7-{(1R)-1-phenyl-3-[(4-phenylbicyclo[2.2.2]octan-1-yl)amino]propyl}-3H-[1,2,3]triazolo[4,5-b]pyridin-5-amine 'C28 H32 N6'
#
# COMPACT_ATOMS: atom_id res chain seq x y z
N CYS A 1 -6.10 -8.78 21.70
CA CYS A 1 -5.33 -9.76 20.95
C CYS A 1 -4.70 -10.78 21.90
N PRO A 2 -5.33 -11.96 22.10
CA PRO A 2 -4.77 -12.93 23.05
C PRO A 2 -3.50 -13.63 22.61
N GLU A 3 -2.61 -13.86 23.57
CA GLU A 3 -1.31 -14.51 23.39
C GLU A 3 -1.45 -16.00 23.05
N GLN A 4 -2.50 -16.65 23.56
CA GLN A 4 -2.73 -18.07 23.29
C GLN A 4 -4.16 -18.23 22.85
N ASP A 5 -4.38 -18.94 21.72
CA ASP A 5 -5.70 -19.23 21.20
C ASP A 5 -5.74 -20.63 20.56
N LYS A 6 -6.93 -21.13 20.22
CA LYS A 6 -7.08 -22.47 19.64
C LYS A 6 -7.88 -22.45 18.34
N TYR A 7 -8.82 -21.51 18.22
CA TYR A 7 -9.67 -21.42 17.06
C TYR A 7 -9.58 -20.05 16.43
N ARG A 8 -9.97 -19.94 15.14
CA ARG A 8 -9.98 -18.65 14.49
C ARG A 8 -11.08 -17.79 15.12
N THR A 9 -10.92 -16.48 15.06
CA THR A 9 -11.99 -15.56 15.37
C THR A 9 -12.90 -15.59 14.11
N ILE A 10 -14.14 -15.11 14.27
CA ILE A 10 -15.08 -15.05 13.16
C ILE A 10 -14.66 -13.95 12.18
N THR A 11 -14.20 -12.81 12.70
CA THR A 11 -13.79 -11.71 11.82
C THR A 11 -12.44 -11.89 11.17
N GLY A 12 -11.62 -12.83 11.62
CA GLY A 12 -10.26 -12.95 11.09
C GLY A 12 -9.25 -12.11 11.86
N MET A 13 -9.71 -11.29 12.82
CA MET A 13 -8.86 -10.48 13.68
C MET A 13 -7.92 -11.41 14.47
N CYS A 14 -6.67 -10.97 14.71
CA CYS A 14 -5.69 -11.70 15.51
C CYS A 14 -5.05 -12.91 14.83
N ASN A 15 -5.33 -13.15 13.53
CA ASN A 15 -4.65 -14.25 12.81
C ASN A 15 -3.15 -13.83 12.70
N ASN A 16 -2.89 -12.58 12.32
CA ASN A 16 -1.53 -12.06 12.30
C ASN A 16 -1.40 -11.26 13.58
N ARG A 17 -0.61 -11.74 14.55
CA ARG A 17 -0.49 -11.04 15.82
C ARG A 17 0.22 -9.69 15.73
N ARG A 18 1.12 -9.50 14.76
CA ARG A 18 1.82 -8.22 14.62
C ARG A 18 0.96 -7.11 14.04
N SER A 19 0.08 -7.43 13.08
CA SER A 19 -0.82 -6.45 12.49
C SER A 19 -2.17 -7.17 12.48
N PRO A 20 -2.92 -7.11 13.63
CA PRO A 20 -4.09 -7.99 13.79
C PRO A 20 -5.31 -7.78 12.92
N THR A 21 -5.38 -6.77 12.04
CA THR A 21 -6.54 -6.66 11.13
C THR A 21 -6.26 -7.30 9.77
N LEU A 22 -5.03 -7.76 9.48
CA LEU A 22 -4.71 -8.30 8.16
C LEU A 22 -5.48 -9.55 7.90
N GLY A 23 -6.29 -9.53 6.86
CA GLY A 23 -7.15 -10.67 6.54
C GLY A 23 -8.49 -10.61 7.26
N ALA A 24 -8.68 -9.65 8.17
CA ALA A 24 -9.94 -9.48 8.90
C ALA A 24 -10.97 -8.77 8.03
N SER A 25 -12.25 -9.00 8.34
CA SER A 25 -13.36 -8.44 7.58
C SER A 25 -13.57 -6.94 7.80
N ASN A 26 -14.17 -6.28 6.80
CA ASN A 26 -14.51 -4.85 6.83
C ASN A 26 -13.29 -3.96 6.92
N ARG A 27 -12.29 -4.30 6.10
CA ARG A 27 -11.05 -3.55 6.02
C ARG A 27 -10.75 -3.28 4.53
N ALA A 28 -10.00 -2.23 4.25
CA ALA A 28 -9.63 -1.86 2.88
C ALA A 28 -8.77 -2.96 2.25
N PHE A 29 -8.92 -3.18 0.94
CA PHE A 29 -8.07 -4.12 0.21
C PHE A 29 -6.64 -3.63 0.22
N VAL A 30 -5.68 -4.53 0.06
CA VAL A 30 -4.29 -4.09 -0.13
C VAL A 30 -4.21 -3.80 -1.66
N ARG A 31 -3.32 -2.92 -2.06
CA ARG A 31 -3.09 -2.64 -3.46
C ARG A 31 -1.71 -3.14 -3.84
N TRP A 32 -1.59 -3.80 -5.01
CA TRP A 32 -0.29 -4.25 -5.51
C TRP A 32 0.33 -3.21 -6.45
N LEU A 33 -0.48 -2.30 -7.02
CA LEU A 33 -0.02 -1.19 -7.86
C LEU A 33 -0.83 0.04 -7.43
N PRO A 34 -0.28 1.26 -7.59
CA PRO A 34 -1.04 2.45 -7.25
C PRO A 34 -2.28 2.61 -8.12
N ALA A 35 -3.35 3.17 -7.55
CA ALA A 35 -4.58 3.38 -8.32
C ALA A 35 -4.44 4.39 -9.46
N GLU A 36 -5.28 4.23 -10.49
CA GLU A 36 -5.31 5.09 -11.65
C GLU A 36 -6.72 5.64 -11.82
N TYR A 37 -6.83 6.89 -11.47
CA TYR A 37 -8.07 7.63 -11.53
C TYR A 37 -7.85 8.86 -12.40
N GLU A 38 -8.94 9.34 -12.99
CA GLU A 38 -8.98 10.51 -13.85
C GLU A 38 -8.33 11.74 -13.17
N ASP A 39 -8.72 12.05 -11.94
CA ASP A 39 -8.17 13.18 -11.18
C ASP A 39 -7.01 12.76 -10.25
N GLY A 40 -6.53 11.53 -10.37
CA GLY A 40 -5.47 10.98 -9.55
C GLY A 40 -5.91 10.29 -8.27
N PHE A 41 -7.09 10.65 -7.71
CA PHE A 41 -7.47 10.12 -6.40
C PHE A 41 -8.88 9.55 -6.24
N SER A 42 -9.86 9.83 -7.13
CA SER A 42 -11.21 9.27 -6.92
C SER A 42 -12.07 9.03 -8.16
N LEU A 43 -12.03 9.90 -9.19
CA LEU A 43 -12.90 9.75 -10.35
C LEU A 43 -12.46 8.64 -11.27
N PRO A 44 -13.35 7.72 -11.61
CA PRO A 44 -12.94 6.59 -12.47
C PRO A 44 -12.74 7.01 -13.91
N TYR A 45 -11.87 6.32 -14.68
CA TYR A 45 -11.75 6.61 -16.12
C TYR A 45 -13.11 6.32 -16.78
N GLY A 46 -13.55 7.23 -17.64
CA GLY A 46 -14.88 7.13 -18.23
C GLY A 46 -15.88 8.06 -17.54
N TRP A 47 -15.52 8.65 -16.39
CA TRP A 47 -16.43 9.55 -15.66
C TRP A 47 -16.69 10.86 -16.42
N THR A 48 -15.63 11.53 -16.89
CA THR A 48 -15.80 12.82 -17.56
C THR A 48 -15.72 12.72 -19.06
N PRO A 49 -16.77 13.17 -19.77
CA PRO A 49 -16.74 13.16 -21.24
C PRO A 49 -15.52 13.82 -21.84
N GLY A 50 -14.86 13.14 -22.77
CA GLY A 50 -13.70 13.69 -23.44
C GLY A 50 -12.37 13.53 -22.74
N VAL A 51 -12.35 13.09 -21.47
CA VAL A 51 -11.10 12.93 -20.75
C VAL A 51 -10.43 11.63 -21.16
N LYS A 52 -9.29 11.72 -21.83
CA LYS A 52 -8.60 10.53 -22.32
C LYS A 52 -7.82 9.81 -21.23
N ARG A 53 -7.45 8.57 -21.49
CA ARG A 53 -6.63 7.79 -20.59
C ARG A 53 -5.34 7.53 -21.33
N ASN A 54 -4.20 8.08 -20.87
CA ASN A 54 -2.90 7.81 -21.49
C ASN A 54 -2.88 8.08 -23.00
N GLY A 55 -3.52 9.16 -23.42
CA GLY A 55 -3.55 9.57 -24.82
C GLY A 55 -4.68 9.06 -25.69
N PHE A 56 -5.57 8.21 -25.12
CA PHE A 56 -6.63 7.60 -25.92
C PHE A 56 -8.01 7.70 -25.28
N PRO A 57 -9.06 7.84 -26.11
CA PRO A 57 -10.43 7.87 -25.56
C PRO A 57 -10.76 6.60 -24.78
N VAL A 58 -11.59 6.73 -23.73
CA VAL A 58 -11.97 5.59 -22.92
C VAL A 58 -13.11 4.89 -23.64
N ALA A 59 -12.99 3.56 -23.86
CA ALA A 59 -14.05 2.82 -24.52
C ALA A 59 -15.17 2.54 -23.53
N LEU A 60 -16.42 2.63 -23.97
CA LEU A 60 -17.57 2.32 -23.12
C LEU A 60 -17.48 0.83 -22.74
N ALA A 61 -17.66 0.46 -21.47
CA ALA A 61 -17.56 -0.95 -21.08
C ALA A 61 -18.57 -1.81 -21.86
N ARG A 62 -19.78 -1.26 -22.14
CA ARG A 62 -20.80 -2.01 -22.90
C ARG A 62 -20.36 -2.14 -24.38
N ALA A 63 -19.62 -1.16 -24.93
CA ALA A 63 -19.12 -1.27 -26.32
C ALA A 63 -18.05 -2.36 -26.40
N VAL A 64 -17.15 -2.46 -25.39
CA VAL A 64 -16.13 -3.52 -25.40
C VAL A 64 -16.80 -4.89 -25.31
N SER A 65 -17.82 -5.00 -24.45
CA SER A 65 -18.56 -6.24 -24.31
C SER A 65 -19.25 -6.61 -25.64
N ASN A 66 -19.92 -5.65 -26.28
CA ASN A 66 -20.58 -5.89 -27.58
C ASN A 66 -19.64 -6.33 -28.68
N GLU A 67 -18.47 -5.69 -28.76
CA GLU A 67 -17.54 -5.91 -29.86
C GLU A 67 -16.54 -7.04 -29.66
N ILE A 68 -16.24 -7.40 -28.42
CA ILE A 68 -15.21 -8.43 -28.12
C ILE A 68 -15.81 -9.67 -27.41
N VAL A 69 -16.68 -9.45 -26.43
CA VAL A 69 -17.21 -10.55 -25.62
C VAL A 69 -18.36 -11.30 -26.27
N ARG A 70 -19.26 -10.57 -26.91
CA ARG A 70 -20.43 -11.16 -27.55
C ARG A 70 -20.08 -12.28 -28.54
N PHE A 71 -20.82 -13.41 -28.46
CA PHE A 71 -20.66 -14.50 -29.41
C PHE A 71 -21.98 -15.29 -29.50
N PRO A 72 -22.25 -15.99 -30.61
CA PRO A 72 -23.52 -16.77 -30.70
C PRO A 72 -23.52 -17.95 -29.72
N THR A 73 -24.50 -18.01 -28.81
CA THR A 73 -24.60 -19.09 -27.79
C THR A 73 -24.41 -20.52 -28.36
N ASP A 74 -25.00 -20.81 -29.50
CA ASP A 74 -24.89 -22.13 -30.13
C ASP A 74 -23.46 -22.52 -30.53
N GLN A 75 -22.53 -21.56 -30.54
CA GLN A 75 -21.12 -21.83 -30.83
C GLN A 75 -20.36 -22.37 -29.61
N LEU A 76 -20.93 -22.28 -28.39
CA LEU A 76 -20.31 -22.70 -27.11
C LEU A 76 -19.56 -24.04 -27.23
N THR A 77 -18.33 -24.07 -26.75
CA THR A 77 -17.51 -25.27 -26.80
C THR A 77 -17.50 -25.88 -25.42
N PRO A 78 -18.03 -27.12 -25.27
CA PRO A 78 -17.94 -27.78 -23.96
C PRO A 78 -16.48 -28.15 -23.68
N ASP A 79 -16.01 -27.95 -22.45
CA ASP A 79 -14.63 -28.28 -22.09
C ASP A 79 -14.55 -29.77 -21.82
N GLN A 80 -13.80 -30.50 -22.64
CA GLN A 80 -13.63 -31.93 -22.48
C GLN A 80 -12.90 -32.32 -21.19
N GLU A 81 -12.21 -31.37 -20.53
CA GLU A 81 -11.42 -31.68 -19.34
C GLU A 81 -11.87 -30.96 -18.08
N ARG A 82 -13.06 -30.32 -18.07
CA ARG A 82 -13.53 -29.63 -16.87
C ARG A 82 -15.04 -29.83 -16.73
N SER A 83 -15.49 -30.05 -15.49
CA SER A 83 -16.91 -30.16 -15.22
C SER A 83 -17.44 -28.78 -14.82
N LEU A 84 -18.76 -28.63 -14.84
CA LEU A 84 -19.39 -27.39 -14.38
C LEU A 84 -19.14 -27.20 -12.87
N MET A 85 -18.82 -28.29 -12.12
CA MET A 85 -18.40 -28.20 -10.70
C MET A 85 -17.09 -27.34 -10.60
N PHE A 86 -16.26 -27.31 -11.66
CA PHE A 86 -15.04 -26.49 -11.67
C PHE A 86 -15.43 -25.03 -11.64
N MET A 87 -16.47 -24.64 -12.39
CA MET A 87 -16.98 -23.27 -12.36
C MET A 87 -17.58 -22.99 -10.97
N GLN A 88 -18.44 -23.89 -10.47
CA GLN A 88 -19.16 -23.64 -9.24
C GLN A 88 -18.28 -23.55 -8.00
N TRP A 89 -17.23 -24.39 -7.92
CA TRP A 89 -16.30 -24.30 -6.78
C TRP A 89 -15.57 -22.95 -6.80
N GLY A 90 -15.25 -22.44 -7.97
CA GLY A 90 -14.61 -21.14 -8.10
C GLY A 90 -15.46 -20.01 -7.52
N GLN A 91 -16.78 -20.03 -7.80
CA GLN A 91 -17.67 -19.01 -7.27
C GLN A 91 -17.81 -19.17 -5.75
N LEU A 92 -18.02 -20.41 -5.27
CA LEU A 92 -18.13 -20.69 -3.83
C LEU A 92 -16.85 -20.22 -3.10
N LEU A 93 -15.68 -20.51 -3.68
CA LEU A 93 -14.39 -20.13 -3.12
C LEU A 93 -14.25 -18.60 -3.11
N ASP A 94 -14.62 -17.92 -4.20
CA ASP A 94 -14.59 -16.47 -4.29
C ASP A 94 -15.43 -15.84 -3.15
N HIS A 95 -16.55 -16.52 -2.78
CA HIS A 95 -17.43 -16.03 -1.71
C HIS A 95 -16.89 -16.32 -0.30
N ASP A 96 -15.77 -17.03 -0.20
CA ASP A 96 -15.04 -17.18 1.05
C ASP A 96 -13.97 -16.03 1.15
N LEU A 97 -13.59 -15.43 0.00
CA LEU A 97 -12.49 -14.47 -0.04
C LEU A 97 -12.88 -13.03 -0.07
N ASP A 98 -13.79 -12.62 -1.00
CA ASP A 98 -14.10 -11.19 -1.11
C ASP A 98 -15.54 -10.85 -1.48
N PHE A 99 -16.04 -9.80 -0.82
CA PHE A 99 -17.33 -9.19 -1.10
C PHE A 99 -17.08 -7.71 -0.96
N THR A 100 -17.27 -6.95 -2.04
CA THR A 100 -17.04 -5.51 -2.05
C THR A 100 -18.39 -4.81 -1.91
N PRO A 101 -18.67 -4.22 -0.74
CA PRO A 101 -20.00 -3.59 -0.57
C PRO A 101 -20.19 -2.34 -1.41
N GLU A 102 -21.47 -2.04 -1.70
CA GLU A 102 -21.96 -0.86 -2.43
C GLU A 102 -22.99 -0.15 -1.53
N PRO A 103 -23.24 1.16 -1.73
CA PRO A 103 -24.26 1.84 -0.91
C PRO A 103 -25.68 1.34 -1.16
N VAL B 1 -30.34 10.72 -6.67
CA VAL B 1 -29.15 9.90 -6.74
C VAL B 1 -29.49 8.41 -6.66
N ASN B 2 -30.70 7.99 -7.13
CA ASN B 2 -31.06 6.57 -7.09
C ASN B 2 -30.42 5.82 -8.27
N CYS B 3 -29.30 5.11 -8.04
CA CYS B 3 -28.63 4.36 -9.11
C CYS B 3 -29.49 3.27 -9.73
N GLU B 4 -30.49 2.80 -9.00
CA GLU B 4 -31.33 1.72 -9.45
C GLU B 4 -32.26 2.15 -10.58
N THR B 5 -32.86 3.33 -10.45
CA THR B 5 -33.89 3.78 -11.39
C THR B 5 -33.49 4.96 -12.29
N SER B 6 -32.38 5.63 -11.98
CA SER B 6 -31.98 6.81 -12.72
C SER B 6 -30.72 6.60 -13.55
N CYS B 7 -30.55 7.39 -14.61
CA CYS B 7 -29.35 7.34 -15.45
C CYS B 7 -28.40 8.53 -15.23
N VAL B 8 -28.68 9.36 -14.23
CA VAL B 8 -27.84 10.52 -13.95
C VAL B 8 -26.55 10.07 -13.32
N GLN B 9 -25.43 10.60 -13.78
CA GLN B 9 -24.15 10.28 -13.22
C GLN B 9 -23.84 11.24 -12.07
N GLN B 10 -24.27 10.87 -10.87
CA GLN B 10 -24.01 11.67 -9.69
C GLN B 10 -23.65 10.70 -8.59
N PRO B 11 -22.65 11.00 -7.75
CA PRO B 11 -22.28 10.06 -6.67
C PRO B 11 -23.47 9.57 -5.84
N PRO B 12 -23.56 8.27 -5.56
CA PRO B 12 -22.55 7.23 -5.82
C PRO B 12 -22.78 6.43 -7.11
N CYS B 13 -23.52 6.97 -8.07
CA CYS B 13 -23.81 6.29 -9.32
C CYS B 13 -22.71 6.49 -10.35
N PHE B 14 -22.41 5.44 -11.11
CA PHE B 14 -21.47 5.50 -12.24
C PHE B 14 -22.12 4.62 -13.34
N PRO B 15 -23.31 5.02 -13.87
CA PRO B 15 -24.00 4.15 -14.83
C PRO B 15 -23.24 3.91 -16.12
N LEU B 16 -23.42 2.73 -16.72
CA LEU B 16 -22.74 2.39 -17.96
C LEU B 16 -23.51 3.00 -19.09
N LYS B 17 -22.84 3.81 -19.93
CA LYS B 17 -23.51 4.41 -21.07
C LYS B 17 -23.71 3.38 -22.19
N ILE B 18 -24.72 3.63 -23.01
CA ILE B 18 -25.09 2.71 -24.09
C ILE B 18 -24.46 3.17 -25.42
N PRO B 19 -23.73 2.30 -26.11
CA PRO B 19 -23.13 2.72 -27.39
C PRO B 19 -24.16 2.75 -28.52
N PRO B 20 -23.89 3.45 -29.63
CA PRO B 20 -24.83 3.41 -30.76
C PRO B 20 -24.93 2.00 -31.35
N ASN B 21 -26.05 1.66 -31.95
CA ASN B 21 -26.27 0.34 -32.57
C ASN B 21 -26.04 -0.83 -31.61
N ASP B 22 -26.38 -0.67 -30.33
CA ASP B 22 -26.28 -1.74 -29.34
C ASP B 22 -27.27 -2.85 -29.75
N PRO B 23 -26.91 -4.14 -29.62
CA PRO B 23 -27.82 -5.21 -30.06
C PRO B 23 -29.10 -5.37 -29.22
N ARG B 24 -29.16 -4.76 -28.03
CA ARG B 24 -30.32 -4.96 -27.16
C ARG B 24 -30.97 -3.64 -26.69
N ILE B 25 -30.16 -2.67 -26.29
CA ILE B 25 -30.68 -1.42 -25.74
C ILE B 25 -30.69 -0.34 -26.80
N LYS B 26 -31.84 -0.14 -27.44
CA LYS B 26 -31.92 0.83 -28.53
C LYS B 26 -31.97 2.30 -28.05
N ASN B 27 -32.44 2.51 -26.82
CA ASN B 27 -32.55 3.86 -26.26
C ASN B 27 -31.19 4.30 -25.69
N GLN B 28 -30.52 5.25 -26.34
CA GLN B 28 -29.23 5.76 -25.86
C GLN B 28 -29.31 6.65 -24.63
N ALA B 29 -30.52 7.10 -24.24
CA ALA B 29 -30.69 7.84 -23.00
C ALA B 29 -30.82 6.88 -21.79
N ASP B 30 -30.99 5.56 -22.05
CA ASP B 30 -31.04 4.55 -21.00
C ASP B 30 -29.59 4.25 -20.53
N CYS B 31 -29.43 3.31 -19.60
CA CYS B 31 -28.13 2.93 -19.08
C CYS B 31 -28.24 1.57 -18.37
N ILE B 32 -27.09 0.98 -18.07
CA ILE B 32 -27.00 -0.23 -17.25
C ILE B 32 -26.59 0.29 -15.86
N PRO B 33 -27.44 0.07 -14.86
CA PRO B 33 -27.20 0.65 -13.54
C PRO B 33 -25.92 0.18 -12.87
N PHE B 34 -25.30 1.09 -12.11
CA PHE B 34 -24.05 0.78 -11.45
C PHE B 34 -23.85 1.70 -10.27
N PHE B 35 -23.55 1.11 -9.09
CA PHE B 35 -23.27 1.86 -7.87
C PHE B 35 -21.77 1.70 -7.64
N ARG B 36 -21.05 2.80 -7.37
CA ARG B 36 -19.62 2.68 -7.09
C ARG B 36 -19.43 1.96 -5.76
N SER B 37 -18.39 1.13 -5.64
CA SER B 37 -18.09 0.43 -4.40
C SER B 37 -17.87 1.41 -3.25
N CSO B 38 -18.31 1.06 -2.05
CA CSO B 38 -18.13 1.96 -0.91
CB CSO B 38 -18.56 1.37 0.42
SG CSO B 38 -20.28 0.88 0.41
C CSO B 38 -16.63 2.31 -0.74
O CSO B 38 -15.77 1.43 -0.82
OD CSO B 38 -21.05 2.25 0.75
N PRO B 39 -16.32 3.61 -0.56
CA PRO B 39 -14.91 3.98 -0.36
C PRO B 39 -14.46 3.69 1.06
N ALA B 40 -13.20 3.29 1.22
CA ALA B 40 -12.64 3.01 2.54
C ALA B 40 -12.56 4.30 3.38
N CYS B 41 -12.42 5.47 2.72
CA CYS B 41 -12.34 6.77 3.37
C CYS B 41 -13.31 7.72 2.72
N PRO B 42 -14.61 7.65 3.07
CA PRO B 42 -15.59 8.51 2.39
C PRO B 42 -15.37 10.00 2.55
N GLY B 43 -15.51 10.70 1.43
CA GLY B 43 -15.41 12.17 1.37
C GLY B 43 -14.02 12.74 1.30
N SER B 44 -12.99 11.90 1.38
CA SER B 44 -11.62 12.38 1.36
C SER B 44 -11.12 12.98 0.06
N ASN B 45 -10.46 14.11 0.21
CA ASN B 45 -9.72 14.80 -0.85
C ASN B 45 -8.19 14.48 -0.72
N ILE B 46 -7.76 13.69 0.29
CA ILE B 46 -6.36 13.37 0.58
C ILE B 46 -5.97 11.96 0.15
N THR B 47 -6.74 10.95 0.57
CA THR B 47 -6.41 9.55 0.27
C THR B 47 -6.74 9.19 -1.15
N ILE B 48 -5.98 8.24 -1.72
CA ILE B 48 -6.29 7.74 -3.03
C ILE B 48 -7.40 6.72 -2.78
N ARG B 49 -8.57 6.92 -3.41
CA ARG B 49 -9.74 6.07 -3.15
C ARG B 49 -9.46 4.59 -3.21
N ASN B 50 -9.91 3.87 -2.20
CA ASN B 50 -9.74 2.42 -2.12
C ASN B 50 -11.07 1.81 -1.70
N GLN B 51 -11.23 0.52 -1.92
CA GLN B 51 -12.46 -0.17 -1.62
C GLN B 51 -12.31 -1.13 -0.43
N ILE B 52 -13.43 -1.74 0.01
CA ILE B 52 -13.45 -2.55 1.20
C ILE B 52 -13.77 -4.02 0.93
N ASN B 53 -13.17 -4.92 1.71
CA ASN B 53 -13.52 -6.32 1.65
C ASN B 53 -14.36 -6.60 2.89
N ALA B 54 -15.63 -6.97 2.74
CA ALA B 54 -16.51 -7.27 3.87
C ALA B 54 -16.28 -8.65 4.48
N LEU B 55 -15.42 -9.50 3.86
CA LEU B 55 -15.20 -10.86 4.33
C LEU B 55 -13.79 -11.09 4.85
N THR B 56 -13.57 -12.23 5.54
CA THR B 56 -12.22 -12.59 5.97
C THR B 56 -11.54 -13.10 4.70
N SER B 57 -10.31 -12.64 4.42
CA SER B 57 -9.63 -13.08 3.22
C SER B 57 -9.24 -14.56 3.30
N PHE B 58 -9.04 -15.09 4.51
CA PHE B 58 -8.62 -16.47 4.71
C PHE B 58 -9.57 -17.47 4.08
N VAL B 59 -9.01 -18.60 3.66
CA VAL B 59 -9.83 -19.68 3.15
C VAL B 59 -10.26 -20.39 4.45
N ASP B 60 -11.29 -19.84 5.13
CA ASP B 60 -11.74 -20.36 6.43
C ASP B 60 -13.21 -20.76 6.43
N ALA B 61 -13.80 -21.01 5.26
CA ALA B 61 -15.21 -21.34 5.12
C ALA B 61 -16.10 -20.23 5.71
N SER B 62 -15.65 -18.95 5.60
CA SER B 62 -16.48 -17.85 6.11
C SER B 62 -17.78 -17.73 5.33
N MET B 63 -17.89 -18.34 4.12
CA MET B 63 -19.16 -18.34 3.37
C MET B 63 -20.20 -19.27 4.04
N VAL B 64 -19.76 -20.13 4.98
CA VAL B 64 -20.62 -20.98 5.76
C VAL B 64 -20.91 -20.32 7.13
N TYR B 65 -19.84 -19.84 7.81
CA TYR B 65 -19.94 -19.38 9.20
C TYR B 65 -20.16 -17.91 9.41
N GLY B 66 -19.90 -17.12 8.39
CA GLY B 66 -20.04 -15.67 8.51
C GLY B 66 -18.72 -15.01 8.83
N SER B 67 -18.59 -13.72 8.51
CA SER B 67 -17.39 -12.92 8.78
C SER B 67 -17.60 -11.85 9.84
N GLU B 68 -18.79 -11.78 10.44
CA GLU B 68 -19.14 -10.82 11.48
C GLU B 68 -19.85 -11.60 12.58
N GLU B 69 -19.57 -11.25 13.84
CA GLU B 69 -20.06 -11.97 15.00
C GLU B 69 -21.58 -12.07 15.14
N PRO B 70 -22.42 -11.01 14.98
CA PRO B 70 -23.87 -11.21 15.13
C PRO B 70 -24.41 -12.24 14.12
N LEU B 71 -23.97 -12.15 12.86
CA LEU B 71 -24.39 -13.10 11.81
C LEU B 71 -23.93 -14.51 12.19
N ALA B 72 -22.67 -14.68 12.61
CA ALA B 72 -22.14 -15.99 13.00
C ALA B 72 -22.99 -16.66 14.09
N ARG B 73 -23.47 -15.86 15.07
CA ARG B 73 -24.32 -16.37 16.16
C ARG B 73 -25.69 -16.73 15.62
N ASN B 74 -26.25 -15.89 14.76
CA ASN B 74 -27.55 -16.11 14.15
C ASN B 74 -27.61 -17.37 13.31
N LEU B 75 -26.48 -17.76 12.70
CA LEU B 75 -26.40 -18.98 11.89
C LEU B 75 -26.33 -20.25 12.73
N ARG B 76 -26.09 -20.13 14.04
CA ARG B 76 -25.98 -21.28 14.91
C ARG B 76 -27.30 -21.69 15.53
N ASN B 77 -27.44 -22.98 15.78
CA ASN B 77 -28.57 -23.51 16.50
C ASN B 77 -28.14 -23.40 17.98
N MET B 78 -28.69 -22.41 18.71
CA MET B 78 -28.35 -22.28 20.12
C MET B 78 -29.47 -22.76 21.06
N SER B 79 -30.37 -23.62 20.54
CA SER B 79 -31.42 -24.22 21.36
C SER B 79 -30.91 -25.42 22.17
N ASN B 80 -29.68 -25.90 21.92
CA ASN B 80 -29.11 -27.06 22.59
C ASN B 80 -27.56 -26.97 22.62
N GLN B 81 -26.89 -27.99 23.15
CA GLN B 81 -25.44 -28.02 23.25
C GLN B 81 -24.83 -28.92 22.17
N LEU B 82 -25.45 -29.02 20.99
CA LEU B 82 -24.96 -29.92 19.96
C LEU B 82 -23.98 -29.28 18.94
N GLY B 83 -23.76 -27.98 19.02
CA GLY B 83 -22.82 -27.28 18.16
C GLY B 83 -23.22 -27.21 16.69
N LEU B 84 -24.53 -27.30 16.44
CA LEU B 84 -25.03 -27.32 15.09
C LEU B 84 -25.25 -25.94 14.48
N LEU B 85 -25.32 -25.90 13.15
CA LEU B 85 -25.71 -24.69 12.45
C LEU B 85 -27.24 -24.83 12.30
N ALA B 86 -27.95 -23.71 12.34
CA ALA B 86 -29.40 -23.71 12.23
C ALA B 86 -29.83 -24.21 10.85
N VAL B 87 -30.95 -24.95 10.79
CA VAL B 87 -31.46 -25.46 9.53
C VAL B 87 -32.88 -24.93 9.31
N ASN B 88 -33.36 -25.01 8.04
CA ASN B 88 -34.71 -24.56 7.69
C ASN B 88 -35.73 -25.31 8.50
N GLN B 89 -36.66 -24.59 9.14
CA GLN B 89 -37.71 -25.22 9.96
C GLN B 89 -39.01 -25.48 9.19
N ARG B 90 -39.12 -24.99 7.95
CA ARG B 90 -40.33 -25.14 7.16
C ARG B 90 -40.22 -26.22 6.11
N PHE B 91 -39.00 -26.45 5.58
CA PHE B 91 -38.83 -27.40 4.51
C PHE B 91 -37.58 -28.26 4.70
N GLN B 92 -37.64 -29.47 4.14
CA GLN B 92 -36.55 -30.42 4.05
C GLN B 92 -36.44 -30.91 2.58
N ASP B 93 -35.27 -31.42 2.20
CA ASP B 93 -34.98 -31.90 0.86
C ASP B 93 -34.89 -33.41 0.96
N ASN B 94 -36.04 -34.11 0.76
CA ASN B 94 -36.12 -35.57 0.90
C ASN B 94 -35.57 -36.03 2.28
N GLY B 95 -35.97 -35.34 3.34
CA GLY B 95 -35.52 -35.67 4.69
C GLY B 95 -34.20 -35.08 5.12
N ARG B 96 -33.53 -34.33 4.24
CA ARG B 96 -32.25 -33.72 4.57
C ARG B 96 -32.36 -32.20 4.72
N ALA B 97 -31.43 -31.59 5.48
CA ALA B 97 -31.50 -30.19 5.81
C ALA B 97 -31.35 -29.20 4.67
N LEU B 98 -32.07 -28.09 4.79
CA LEU B 98 -31.94 -27.00 3.85
C LEU B 98 -31.44 -25.79 4.67
N LEU B 99 -30.86 -24.80 4.01
CA LEU B 99 -30.42 -23.58 4.69
C LEU B 99 -31.65 -22.87 5.28
N PRO B 100 -31.52 -22.17 6.41
CA PRO B 100 -32.67 -21.38 6.91
C PRO B 100 -32.99 -20.22 5.94
N PHE B 101 -34.19 -19.66 6.03
CA PHE B 101 -34.54 -18.51 5.19
C PHE B 101 -34.05 -17.24 5.87
N ASP B 102 -33.68 -16.25 5.07
CA ASP B 102 -33.30 -14.93 5.58
C ASP B 102 -34.60 -14.11 5.75
N ASN B 103 -34.53 -12.93 6.37
CA ASN B 103 -35.70 -12.08 6.57
C ASN B 103 -35.41 -10.69 5.99
N LEU B 104 -35.12 -10.63 4.70
CA LEU B 104 -34.80 -9.37 4.02
C LEU B 104 -36.03 -8.52 3.86
N HIS B 105 -35.88 -7.19 4.00
CA HIS B 105 -37.01 -6.28 3.76
C HIS B 105 -37.27 -6.24 2.24
N ASP B 106 -36.22 -6.22 1.42
CA ASP B 106 -36.35 -6.29 -0.05
C ASP B 106 -35.77 -7.63 -0.52
N ASP B 107 -36.64 -8.63 -0.68
CA ASP B 107 -36.21 -9.97 -1.05
C ASP B 107 -36.38 -10.22 -2.53
N PRO B 108 -35.27 -10.40 -3.28
CA PRO B 108 -35.40 -10.64 -4.73
C PRO B 108 -35.89 -12.06 -5.05
N CYS B 109 -35.64 -13.05 -4.16
CA CYS B 109 -36.05 -14.43 -4.44
C CYS B 109 -37.54 -14.60 -4.57
N LEU B 110 -38.29 -13.84 -3.76
CA LEU B 110 -39.75 -13.85 -3.78
C LEU B 110 -40.27 -13.43 -5.14
N LEU B 111 -39.56 -12.55 -5.85
CA LEU B 111 -39.97 -12.06 -7.17
C LEU B 111 -39.92 -13.11 -8.25
N THR B 112 -38.99 -14.07 -8.16
CA THR B 112 -38.82 -15.06 -9.22
C THR B 112 -40.00 -16.01 -9.36
N ASN B 113 -40.86 -16.11 -8.34
CA ASN B 113 -42.06 -16.92 -8.42
C ASN B 113 -43.02 -16.41 -7.35
N ARG B 114 -44.07 -15.67 -7.75
CA ARG B 114 -45.03 -15.13 -6.78
C ARG B 114 -45.72 -16.18 -5.94
N SER B 115 -46.35 -17.20 -6.57
CA SER B 115 -47.09 -18.18 -5.80
C SER B 115 -46.24 -19.05 -4.91
N ALA B 116 -44.98 -19.31 -5.30
CA ALA B 116 -44.12 -20.19 -4.50
C ALA B 116 -43.82 -19.59 -3.13
N ARG B 117 -43.67 -18.25 -3.04
CA ARG B 117 -43.39 -17.54 -1.79
C ARG B 117 -42.18 -18.12 -1.07
N ILE B 118 -41.10 -18.37 -1.79
CA ILE B 118 -39.88 -18.90 -1.18
C ILE B 118 -38.83 -17.79 -1.10
N PRO B 119 -38.52 -17.34 0.12
CA PRO B 119 -37.53 -16.27 0.26
C PRO B 119 -36.07 -16.71 0.08
N CYS B 120 -35.14 -15.74 0.14
CA CYS B 120 -33.73 -15.97 0.07
C CYS B 120 -33.27 -16.82 1.22
N PHE B 121 -32.21 -17.59 1.00
CA PHE B 121 -31.62 -18.39 2.06
C PHE B 121 -30.64 -17.53 2.86
N LEU B 122 -30.38 -17.92 4.08
CA LEU B 122 -29.47 -17.25 4.97
C LEU B 122 -28.25 -18.14 5.13
N ALA B 123 -27.07 -17.62 4.82
CA ALA B 123 -25.82 -18.37 4.91
C ALA B 123 -24.68 -17.40 5.40
N GLY B 124 -23.43 -17.88 5.52
CA GLY B 124 -22.33 -17.06 5.97
C GLY B 124 -22.01 -15.91 5.05
N ASP B 125 -22.29 -16.06 3.74
CA ASP B 125 -22.10 -15.01 2.73
C ASP B 125 -23.49 -14.65 2.16
N THR B 126 -23.73 -13.34 1.88
CA THR B 126 -25.03 -12.87 1.42
C THR B 126 -25.45 -13.30 0.03
N ARG B 127 -24.54 -13.83 -0.79
CA ARG B 127 -24.88 -14.21 -2.16
C ARG B 127 -25.34 -15.66 -2.34
N SER B 128 -25.62 -16.39 -1.26
CA SER B 128 -25.95 -17.82 -1.34
C SER B 128 -27.09 -18.19 -2.26
N SER B 129 -28.05 -17.28 -2.50
CA SER B 129 -29.17 -17.56 -3.39
C SER B 129 -28.99 -17.05 -4.80
N GLU B 130 -27.82 -16.46 -5.14
CA GLU B 130 -27.59 -15.88 -6.46
C GLU B 130 -27.86 -16.88 -7.60
N MET B 131 -27.49 -18.15 -7.46
CA MET B 131 -27.85 -19.19 -8.46
C MET B 131 -28.04 -20.53 -7.71
N PRO B 132 -29.02 -21.41 -8.07
CA PRO B 132 -29.25 -22.63 -7.26
C PRO B 132 -28.06 -23.57 -7.14
N GLU B 133 -27.16 -23.58 -8.14
CA GLU B 133 -25.94 -24.39 -8.10
C GLU B 133 -25.06 -23.94 -6.92
N LEU B 134 -25.04 -22.62 -6.64
CA LEU B 134 -24.27 -22.04 -5.54
C LEU B 134 -24.96 -22.36 -4.22
N THR B 135 -26.30 -22.27 -4.19
CA THR B 135 -27.09 -22.63 -3.02
C THR B 135 -26.85 -24.10 -2.64
N SER B 136 -26.76 -24.97 -3.64
CA SER B 136 -26.53 -26.40 -3.43
C SER B 136 -25.20 -26.65 -2.73
N MET B 137 -24.17 -25.88 -3.09
CA MET B 137 -22.85 -26.02 -2.47
C MET B 137 -22.89 -25.55 -1.02
N HIS B 138 -23.57 -24.43 -0.75
CA HIS B 138 -23.73 -23.91 0.61
C HIS B 138 -24.48 -24.92 1.47
N THR B 139 -25.56 -25.52 0.91
CA THR B 139 -26.37 -26.49 1.62
C THR B 139 -25.56 -27.73 1.94
N LEU B 140 -24.73 -28.17 0.98
CA LEU B 140 -23.86 -29.33 1.16
C LEU B 140 -22.91 -29.11 2.37
N LEU B 141 -22.28 -27.92 2.47
CA LEU B 141 -21.35 -27.63 3.57
C LEU B 141 -22.05 -27.44 4.91
N LEU B 142 -23.30 -26.92 4.91
CA LEU B 142 -24.09 -26.80 6.13
C LEU B 142 -24.35 -28.22 6.68
N ARG B 143 -24.73 -29.15 5.79
CA ARG B 143 -24.98 -30.53 6.18
C ARG B 143 -23.69 -31.17 6.69
N GLU B 144 -22.56 -30.93 6.01
CA GLU B 144 -21.28 -31.49 6.41
C GLU B 144 -20.88 -31.01 7.81
N HIS B 145 -21.13 -29.73 8.15
CA HIS B 145 -20.85 -29.24 9.50
C HIS B 145 -21.64 -30.04 10.53
N ASN B 146 -22.96 -30.12 10.34
CA ASN B 146 -23.83 -30.83 11.28
C ASN B 146 -23.50 -32.32 11.39
N ARG B 147 -23.07 -32.93 10.27
CA ARG B 147 -22.69 -34.35 10.24
C ARG B 147 -21.43 -34.56 11.09
N LEU B 148 -20.47 -33.61 11.00
CA LEU B 148 -19.24 -33.66 11.77
C LEU B 148 -19.55 -33.41 13.24
N ALA B 149 -20.34 -32.37 13.59
CA ALA B 149 -20.69 -32.09 15.00
C ALA B 149 -21.42 -33.28 15.65
N THR B 150 -22.27 -33.97 14.87
CA THR B 150 -23.02 -35.13 15.36
C THR B 150 -22.05 -36.29 15.68
N GLU B 151 -21.12 -36.55 14.78
CA GLU B 151 -20.14 -37.63 14.94
C GLU B 151 -19.19 -37.32 16.09
N LEU B 152 -18.76 -36.04 16.21
CA LEU B 152 -17.88 -35.62 17.30
C LEU B 152 -18.58 -35.72 18.66
N LYS B 153 -19.90 -35.48 18.73
CA LYS B 153 -20.67 -35.60 19.96
C LYS B 153 -20.73 -37.06 20.44
N SER B 154 -20.91 -38.02 19.51
CA SER B 154 -20.95 -39.42 19.92
C SER B 154 -19.55 -39.95 20.30
N LEU B 155 -18.48 -39.34 19.75
CA LEU B 155 -17.10 -39.70 20.03
C LEU B 155 -16.66 -39.09 21.38
N ASN B 156 -17.07 -37.84 21.63
CA ASN B 156 -16.72 -37.09 22.85
C ASN B 156 -18.00 -36.54 23.51
N PRO B 157 -18.74 -37.40 24.25
CA PRO B 157 -20.02 -36.93 24.82
C PRO B 157 -19.94 -35.76 25.81
N ARG B 158 -18.77 -35.51 26.42
CA ARG B 158 -18.62 -34.39 27.35
C ARG B 158 -18.35 -33.05 26.68
N TRP B 159 -18.10 -33.03 25.36
CA TRP B 159 -17.85 -31.77 24.67
C TRP B 159 -19.12 -30.92 24.66
N ASP B 160 -19.00 -29.63 25.02
CA ASP B 160 -20.17 -28.75 25.02
C ASP B 160 -20.43 -28.22 23.58
N GLY B 161 -21.50 -27.45 23.41
CA GLY B 161 -21.88 -26.91 22.10
C GLY B 161 -20.80 -26.07 21.45
N GLU B 162 -20.13 -25.21 22.23
CA GLU B 162 -19.07 -24.36 21.69
C GLU B 162 -17.92 -25.19 21.13
N ARG B 163 -17.48 -26.22 21.87
CA ARG B 163 -16.39 -27.09 21.45
C ARG B 163 -16.76 -27.85 20.17
N LEU B 164 -17.98 -28.40 20.12
CA LEU B 164 -18.47 -29.14 18.97
C LEU B 164 -18.53 -28.23 17.74
N TYR B 165 -19.09 -27.03 17.89
CA TYR B 165 -19.19 -26.05 16.79
C TYR B 165 -17.79 -25.70 16.29
N GLN B 166 -16.87 -25.35 17.18
CA GLN B 166 -15.52 -24.94 16.78
C GLN B 166 -14.72 -26.07 16.13
N GLU B 167 -14.82 -27.30 16.66
CA GLU B 167 -14.09 -28.43 16.10
C GLU B 167 -14.63 -28.81 14.71
N ALA B 168 -15.97 -28.81 14.51
CA ALA B 168 -16.54 -29.11 13.19
C ALA B 168 -16.19 -27.96 12.22
N ARG B 169 -16.26 -26.70 12.68
CA ARG B 169 -15.91 -25.53 11.85
C ARG B 169 -14.46 -25.59 11.36
N LYS B 170 -13.56 -26.07 12.20
CA LYS B 170 -12.14 -26.21 11.89
C LYS B 170 -11.95 -27.24 10.78
N ILE B 171 -12.69 -28.39 10.85
CA ILE B 171 -12.60 -29.43 9.84
C ILE B 171 -13.15 -28.91 8.51
N VAL B 172 -14.30 -28.22 8.53
CA VAL B 172 -14.90 -27.69 7.30
C VAL B 172 -13.95 -26.75 6.59
N GLY B 173 -13.32 -25.84 7.34
CA GLY B 173 -12.34 -24.90 6.77
C GLY B 173 -11.15 -25.62 6.15
N ALA B 174 -10.66 -26.68 6.81
CA ALA B 174 -9.54 -27.46 6.29
C ALA B 174 -9.94 -28.17 5.00
N MET B 175 -11.16 -28.73 4.92
CA MET B 175 -11.66 -29.36 3.70
C MET B 175 -11.71 -28.38 2.53
N VAL B 176 -12.21 -27.15 2.80
CA VAL B 176 -12.23 -26.12 1.77
C VAL B 176 -10.78 -25.81 1.30
N GLN B 177 -9.81 -25.74 2.24
CA GLN B 177 -8.41 -25.50 1.90
C GLN B 177 -7.80 -26.64 1.06
N ILE B 178 -8.10 -27.90 1.41
CA ILE B 178 -7.56 -29.06 0.71
C ILE B 178 -8.14 -29.17 -0.68
N ILE B 179 -9.47 -29.11 -0.82
CA ILE B 179 -10.10 -29.19 -2.15
C ILE B 179 -9.58 -28.04 -3.05
N THR B 180 -9.44 -26.85 -2.46
CA THR B 180 -8.97 -25.70 -3.21
C THR B 180 -7.53 -25.83 -3.70
N TYR B 181 -6.60 -26.15 -2.82
CA TYR B 181 -5.18 -26.18 -3.17
C TYR B 181 -4.68 -27.49 -3.76
N ARG B 182 -5.33 -28.61 -3.47
CA ARG B 182 -4.91 -29.90 -4.00
C ARG B 182 -5.61 -30.19 -5.34
N ASP B 183 -6.89 -29.87 -5.43
CA ASP B 183 -7.69 -30.26 -6.58
C ASP B 183 -8.04 -29.13 -7.53
N TYR B 184 -8.45 -27.97 -6.99
CA TYR B 184 -8.96 -26.88 -7.80
C TYR B 184 -7.85 -26.03 -8.48
N LEU B 185 -6.97 -25.38 -7.68
CA LEU B 185 -5.93 -24.48 -8.19
C LEU B 185 -5.01 -25.12 -9.23
N PRO B 186 -4.55 -26.38 -9.12
CA PRO B 186 -3.70 -26.95 -10.20
C PRO B 186 -4.42 -26.95 -11.55
N LEU B 187 -5.75 -27.05 -11.55
CA LEU B 187 -6.55 -27.06 -12.79
C LEU B 187 -6.89 -25.65 -13.30
N VAL B 188 -6.69 -24.63 -12.47
CA VAL B 188 -6.83 -23.25 -12.87
C VAL B 188 -5.50 -22.80 -13.48
N LEU B 189 -4.40 -23.02 -12.75
CA LEU B 189 -3.09 -22.51 -13.14
C LEU B 189 -2.34 -23.35 -14.14
N GLY B 190 -2.54 -24.66 -14.10
CA GLY B 190 -1.76 -25.57 -14.92
C GLY B 190 -0.51 -25.97 -14.13
N PRO B 191 0.18 -27.04 -14.52
CA PRO B 191 1.33 -27.52 -13.71
C PRO B 191 2.52 -26.57 -13.50
N THR B 192 2.99 -25.89 -14.55
CA THR B 192 4.16 -25.00 -14.42
C THR B 192 3.87 -23.77 -13.53
N ALA B 193 2.72 -23.10 -13.72
CA ALA B 193 2.37 -21.96 -12.85
C ALA B 193 2.10 -22.44 -11.41
N MET B 194 1.58 -23.66 -11.23
CA MET B 194 1.34 -24.23 -9.91
C MET B 194 2.69 -24.36 -9.16
N ARG B 195 3.75 -24.83 -9.84
CA ARG B 195 5.07 -24.96 -9.20
C ARG B 195 5.67 -23.58 -8.94
N LYS B 196 5.51 -22.64 -9.87
CA LYS B 196 6.06 -21.31 -9.73
C LYS B 196 5.40 -20.52 -8.60
N TYR B 197 4.06 -20.42 -8.59
CA TYR B 197 3.37 -19.59 -7.61
C TYR B 197 3.03 -20.29 -6.34
N LEU B 198 2.86 -21.63 -6.38
CA LEU B 198 2.51 -22.37 -5.18
C LEU B 198 3.50 -23.49 -4.92
N PRO B 199 4.78 -23.17 -4.61
CA PRO B 199 5.73 -24.26 -4.29
C PRO B 199 5.29 -24.95 -2.99
N THR B 200 5.90 -26.10 -2.70
CA THR B 200 5.58 -26.90 -1.51
C THR B 200 5.52 -26.07 -0.22
N TYR B 201 4.45 -26.23 0.56
CA TYR B 201 4.26 -25.52 1.83
C TYR B 201 5.38 -25.85 2.79
N ARG B 202 5.92 -24.84 3.48
CA ARG B 202 6.96 -25.03 4.46
C ARG B 202 6.35 -24.78 5.85
N SER B 203 5.98 -23.55 6.16
CA SER B 203 5.39 -23.21 7.45
C SER B 203 4.74 -21.84 7.42
N TYR B 204 4.01 -21.48 8.49
CA TYR B 204 3.39 -20.18 8.59
C TYR B 204 4.47 -19.09 8.61
N ASN B 205 4.29 -18.03 7.83
CA ASN B 205 5.24 -16.92 7.81
C ASN B 205 4.43 -15.67 8.17
N ASP B 206 4.68 -15.11 9.35
CA ASP B 206 3.92 -13.96 9.84
C ASP B 206 4.21 -12.65 9.11
N SER B 207 5.14 -12.64 8.15
CA SER B 207 5.43 -11.44 7.34
C SER B 207 4.77 -11.49 5.96
N VAL B 208 3.96 -12.51 5.69
CA VAL B 208 3.25 -12.64 4.43
C VAL B 208 1.89 -12.00 4.64
N ASP B 209 1.62 -10.91 3.92
CA ASP B 209 0.36 -10.18 4.04
C ASP B 209 -0.78 -11.02 3.44
N PRO B 210 -1.77 -11.42 4.24
CA PRO B 210 -2.86 -12.28 3.71
C PRO B 210 -4.07 -11.55 3.16
N ARG B 211 -4.01 -10.20 3.05
CA ARG B 211 -5.17 -9.46 2.53
C ARG B 211 -5.45 -9.79 1.07
N ILE B 212 -6.72 -9.69 0.63
CA ILE B 212 -7.04 -9.82 -0.79
C ILE B 212 -6.58 -8.49 -1.42
N ALA B 213 -5.89 -8.58 -2.56
CA ALA B 213 -5.48 -7.38 -3.29
C ALA B 213 -6.66 -6.92 -4.10
N ASN B 214 -6.77 -5.63 -4.31
CA ASN B 214 -7.85 -5.04 -5.07
C ASN B 214 -7.98 -5.68 -6.48
N VAL B 215 -6.87 -5.85 -7.18
CA VAL B 215 -6.89 -6.45 -8.52
C VAL B 215 -7.47 -7.88 -8.56
N PHE B 216 -7.27 -8.69 -7.51
CA PHE B 216 -7.78 -10.07 -7.48
C PHE B 216 -9.29 -10.11 -7.56
N THR B 217 -10.00 -9.12 -6.97
CA THR B 217 -11.46 -9.09 -7.01
C THR B 217 -11.99 -9.03 -8.45
N ASN B 218 -11.18 -8.51 -9.37
CA ASN B 218 -11.51 -8.41 -10.78
C ASN B 218 -10.91 -9.57 -11.57
N ALA B 219 -9.63 -9.90 -11.30
CA ALA B 219 -8.95 -10.99 -12.01
C ALA B 219 -9.62 -12.36 -11.78
N PHE B 220 -10.00 -12.67 -10.53
CA PHE B 220 -10.65 -13.96 -10.24
C PHE B 220 -12.04 -14.10 -10.91
N ARG B 221 -12.57 -13.00 -11.50
CA ARG B 221 -13.78 -13.06 -12.30
C ARG B 221 -13.54 -13.75 -13.65
N TYR B 222 -12.34 -14.34 -13.89
CA TYR B 222 -12.08 -15.16 -15.08
C TYR B 222 -13.17 -16.27 -15.20
N GLY B 223 -13.66 -16.74 -14.05
CA GLY B 223 -14.66 -17.81 -13.95
C GLY B 223 -15.94 -17.51 -14.69
N HIS B 224 -16.21 -16.24 -15.02
CA HIS B 224 -17.40 -15.87 -15.80
C HIS B 224 -17.34 -16.49 -17.22
N THR B 225 -16.12 -16.79 -17.72
CA THR B 225 -15.90 -17.44 -19.02
C THR B 225 -16.23 -18.94 -18.99
N LEU B 226 -16.38 -19.55 -17.80
CA LEU B 226 -16.70 -20.98 -17.63
C LEU B 226 -18.20 -21.25 -17.55
N ILE B 227 -19.00 -20.18 -17.38
CA ILE B 227 -20.43 -20.29 -17.16
C ILE B 227 -21.19 -20.75 -18.38
N GLN B 228 -21.97 -21.83 -18.22
CA GLN B 228 -22.85 -22.38 -19.24
C GLN B 228 -24.16 -21.56 -19.20
N PRO B 229 -24.90 -21.45 -20.32
CA PRO B 229 -26.13 -20.65 -20.32
C PRO B 229 -27.36 -21.34 -19.72
N PHE B 230 -27.22 -22.53 -19.14
CA PHE B 230 -28.32 -23.25 -18.51
C PHE B 230 -27.89 -23.83 -17.16
N MET B 231 -28.88 -24.14 -16.32
CA MET B 231 -28.68 -24.92 -15.11
C MET B 231 -29.19 -26.31 -15.53
N PHE B 232 -28.35 -27.32 -15.40
CA PHE B 232 -28.67 -28.69 -15.83
C PHE B 232 -29.05 -29.52 -14.63
N ARG B 233 -30.19 -30.23 -14.71
CA ARG B 233 -30.65 -31.06 -13.62
C ARG B 233 -30.77 -32.47 -14.13
N LEU B 234 -30.15 -33.43 -13.42
CA LEU B 234 -30.15 -34.81 -13.86
C LEU B 234 -30.74 -35.75 -12.82
N ASP B 235 -31.38 -36.83 -13.28
CA ASP B 235 -31.95 -37.82 -12.39
C ASP B 235 -30.86 -38.81 -11.86
N ASN B 236 -31.25 -39.85 -11.08
CA ASN B 236 -30.27 -40.79 -10.51
C ASN B 236 -29.56 -41.68 -11.56
N ARG B 237 -29.97 -41.61 -12.82
CA ARG B 237 -29.26 -42.29 -13.90
C ARG B 237 -28.41 -41.30 -14.72
N TYR B 238 -28.23 -40.06 -14.20
CA TYR B 238 -27.52 -38.98 -14.86
C TYR B 238 -28.14 -38.65 -16.22
N GLN B 239 -29.46 -38.81 -16.33
CA GLN B 239 -30.23 -38.49 -17.54
C GLN B 239 -30.98 -37.19 -17.30
N PRO B 240 -31.37 -36.45 -18.36
CA PRO B 240 -32.11 -35.21 -18.14
C PRO B 240 -33.35 -35.37 -17.29
N MET B 241 -33.46 -34.58 -16.21
CA MET B 241 -34.62 -34.69 -15.33
C MET B 241 -35.77 -33.82 -15.84
N GLU B 242 -36.70 -34.44 -16.57
CA GLU B 242 -37.85 -33.75 -17.19
C GLU B 242 -38.91 -33.32 -16.18
N PRO B 243 -39.74 -32.30 -16.50
CA PRO B 243 -39.89 -31.60 -17.78
C PRO B 243 -39.00 -30.36 -18.05
N ASN B 244 -38.16 -29.89 -17.07
CA ASN B 244 -37.27 -28.75 -17.34
C ASN B 244 -35.81 -29.08 -16.96
N PRO B 245 -35.12 -29.94 -17.74
CA PRO B 245 -33.75 -30.32 -17.38
C PRO B 245 -32.68 -29.28 -17.65
N ARG B 246 -32.97 -28.27 -18.48
CA ARG B 246 -32.01 -27.22 -18.84
C ARG B 246 -32.72 -25.87 -18.75
N VAL B 247 -32.68 -25.24 -17.58
CA VAL B 247 -33.35 -23.96 -17.39
C VAL B 247 -32.39 -22.84 -17.75
N PRO B 248 -32.81 -21.89 -18.62
CA PRO B 248 -31.94 -20.76 -18.95
C PRO B 248 -31.47 -20.04 -17.68
N LEU B 249 -30.19 -19.70 -17.58
CA LEU B 249 -29.63 -19.05 -16.39
C LEU B 249 -30.40 -17.81 -15.97
N SER B 250 -30.94 -17.04 -16.94
CA SER B 250 -31.74 -15.86 -16.64
C SER B 250 -33.06 -16.14 -15.95
N ARG B 251 -33.41 -17.42 -15.73
CA ARG B 251 -34.59 -17.81 -14.97
C ARG B 251 -34.23 -18.55 -13.67
N VAL B 252 -32.93 -18.61 -13.29
CA VAL B 252 -32.50 -19.27 -12.06
C VAL B 252 -31.87 -18.33 -11.06
N PHE B 253 -31.49 -17.08 -11.45
CA PHE B 253 -30.88 -16.15 -10.48
C PHE B 253 -31.90 -15.83 -9.39
N PHE B 254 -31.50 -15.98 -8.10
CA PHE B 254 -32.37 -15.76 -6.96
C PHE B 254 -33.58 -16.72 -6.93
N ALA B 255 -33.57 -17.80 -7.71
CA ALA B 255 -34.71 -18.73 -7.74
C ALA B 255 -34.60 -19.79 -6.65
N SER B 256 -34.62 -19.36 -5.38
CA SER B 256 -34.52 -20.29 -4.25
C SER B 256 -35.67 -21.29 -4.26
N TRP B 257 -36.85 -20.91 -4.81
CA TRP B 257 -38.02 -21.78 -4.94
C TRP B 257 -37.69 -23.04 -5.72
N ARG B 258 -36.73 -23.00 -6.64
CA ARG B 258 -36.36 -24.17 -7.44
C ARG B 258 -35.69 -25.24 -6.55
N VAL B 259 -34.86 -24.83 -5.59
CA VAL B 259 -34.23 -25.77 -4.66
C VAL B 259 -35.31 -26.42 -3.79
N VAL B 260 -36.21 -25.60 -3.24
CA VAL B 260 -37.24 -26.09 -2.33
C VAL B 260 -38.34 -26.90 -2.99
N LEU B 261 -38.85 -26.45 -4.12
CA LEU B 261 -40.01 -27.07 -4.75
C LEU B 261 -39.72 -27.84 -6.03
N GLU B 262 -38.49 -27.79 -6.58
CA GLU B 262 -38.20 -28.54 -7.79
C GLU B 262 -37.13 -29.64 -7.62
N GLY B 263 -37.16 -30.35 -6.49
CA GLY B 263 -36.29 -31.51 -6.33
C GLY B 263 -35.05 -31.46 -5.48
N GLY B 264 -34.84 -30.35 -4.77
CA GLY B 264 -33.70 -30.25 -3.87
C GLY B 264 -32.35 -30.11 -4.57
N ILE B 265 -31.28 -30.41 -3.84
CA ILE B 265 -29.94 -30.20 -4.38
C ILE B 265 -29.35 -31.39 -5.16
N ASP B 266 -29.90 -32.62 -5.04
CA ASP B 266 -29.31 -33.75 -5.76
C ASP B 266 -29.30 -33.60 -7.28
N PRO B 267 -30.41 -33.25 -7.97
CA PRO B 267 -30.34 -33.11 -9.43
C PRO B 267 -29.37 -32.02 -9.89
N ILE B 268 -29.20 -30.98 -9.07
CA ILE B 268 -28.31 -29.86 -9.36
C ILE B 268 -26.85 -30.29 -9.21
N LEU B 269 -26.51 -30.99 -8.13
CA LEU B 269 -25.14 -31.48 -7.92
C LEU B 269 -24.76 -32.48 -9.02
N ARG B 270 -25.72 -33.33 -9.46
CA ARG B 270 -25.46 -34.29 -10.54
C ARG B 270 -25.18 -33.57 -11.85
N GLY B 271 -25.98 -32.55 -12.15
CA GLY B 271 -25.80 -31.70 -13.32
C GLY B 271 -24.44 -31.02 -13.33
N LEU B 272 -23.94 -30.60 -12.15
CA LEU B 272 -22.61 -29.97 -12.02
C LEU B 272 -21.48 -30.97 -12.30
N MET B 273 -21.64 -32.21 -11.81
CA MET B 273 -20.62 -33.23 -12.00
C MET B 273 -20.57 -33.79 -13.41
N ALA B 274 -21.71 -33.94 -14.06
CA ALA B 274 -21.79 -34.62 -15.36
C ALA B 274 -22.00 -33.74 -16.57
N THR B 275 -21.84 -32.43 -16.43
CA THR B 275 -21.96 -31.52 -17.56
C THR B 275 -20.63 -30.81 -17.66
N PRO B 276 -20.07 -30.65 -18.87
CA PRO B 276 -18.81 -29.92 -18.99
C PRO B 276 -18.99 -28.44 -18.66
N ALA B 277 -17.91 -27.79 -18.21
CA ALA B 277 -17.90 -26.35 -18.05
C ALA B 277 -17.81 -25.78 -19.48
N LYS B 278 -18.10 -24.47 -19.64
CA LYS B 278 -17.91 -23.85 -20.95
C LYS B 278 -16.39 -23.62 -21.06
N LEU B 279 -15.83 -23.80 -22.27
CA LEU B 279 -14.41 -23.53 -22.47
C LEU B 279 -14.26 -22.06 -22.87
N ASN B 280 -13.32 -21.33 -22.24
CA ASN B 280 -13.06 -19.97 -22.66
C ASN B 280 -12.25 -20.07 -23.97
N ARG B 281 -12.78 -19.49 -25.06
CA ARG B 281 -12.08 -19.38 -26.35
C ARG B 281 -12.04 -17.91 -26.75
N GLN B 282 -11.05 -17.49 -27.58
CA GLN B 282 -10.86 -16.06 -27.92
C GLN B 282 -12.03 -15.41 -28.65
N ASN B 283 -12.85 -16.22 -29.34
CA ASN B 283 -14.06 -15.73 -30.00
C ASN B 283 -15.34 -16.27 -29.33
N GLN B 284 -15.24 -16.81 -28.08
CA GLN B 284 -16.38 -17.36 -27.34
C GLN B 284 -16.07 -17.06 -25.87
N ILE B 285 -15.99 -15.77 -25.49
CA ILE B 285 -15.55 -15.40 -24.14
C ILE B 285 -16.60 -15.62 -23.06
N ALA B 286 -17.80 -15.05 -23.21
CA ALA B 286 -18.83 -15.17 -22.20
C ALA B 286 -20.23 -15.15 -22.82
N VAL B 287 -21.16 -15.96 -22.27
CA VAL B 287 -22.51 -16.15 -22.81
C VAL B 287 -23.47 -14.98 -22.56
N ASP B 288 -24.48 -14.86 -23.43
CA ASP B 288 -25.48 -13.79 -23.32
C ASP B 288 -26.42 -13.96 -22.14
N GLU B 289 -26.47 -15.15 -21.49
CA GLU B 289 -27.31 -15.29 -20.30
C GLU B 289 -26.75 -14.37 -19.18
N ILE B 290 -25.42 -14.10 -19.17
CA ILE B 290 -24.81 -13.17 -18.21
C ILE B 290 -24.43 -11.83 -18.88
N ARG B 291 -24.24 -11.81 -20.21
CA ARG B 291 -23.86 -10.62 -20.97
C ARG B 291 -25.06 -9.74 -21.35
N GLU B 292 -26.26 -10.33 -21.44
CA GLU B 292 -27.48 -9.60 -21.80
C GLU B 292 -28.59 -9.71 -20.78
N ARG B 293 -28.64 -10.83 -20.04
CA ARG B 293 -29.76 -11.17 -19.17
C ARG B 293 -29.41 -11.42 -17.73
N LEU B 294 -28.29 -10.85 -17.23
CA LEU B 294 -27.94 -11.00 -15.82
C LEU B 294 -29.01 -10.37 -14.93
N PHE B 295 -29.61 -11.19 -14.06
CA PHE B 295 -30.65 -10.78 -13.10
C PHE B 295 -31.86 -10.13 -13.81
N GLU B 296 -32.10 -10.50 -15.07
CA GLU B 296 -33.18 -9.98 -15.90
C GLU B 296 -34.53 -9.99 -15.21
N GLN B 297 -34.81 -11.03 -14.42
CA GLN B 297 -36.12 -11.14 -13.78
C GLN B 297 -36.41 -10.12 -12.72
N VAL B 298 -35.39 -9.72 -11.96
CA VAL B 298 -35.60 -8.84 -10.82
C VAL B 298 -35.18 -7.41 -11.02
N MET B 299 -34.59 -7.05 -12.18
CA MET B 299 -34.16 -5.66 -12.40
C MET B 299 -35.01 -4.95 -13.46
N ARG B 300 -34.88 -3.63 -13.57
CA ARG B 300 -35.61 -2.86 -14.60
C ARG B 300 -35.03 -3.09 -16.02
N ILE B 301 -33.79 -3.60 -16.11
CA ILE B 301 -33.08 -3.92 -17.34
C ILE B 301 -32.09 -5.07 -17.03
N GLY B 302 -31.87 -5.96 -17.99
CA GLY B 302 -30.92 -7.05 -17.81
C GLY B 302 -29.52 -6.47 -17.76
N LEU B 303 -28.66 -6.99 -16.88
CA LEU B 303 -27.30 -6.46 -16.76
C LEU B 303 -26.32 -7.19 -17.69
N ASP B 304 -25.10 -6.64 -17.85
CA ASP B 304 -24.07 -7.21 -18.71
C ASP B 304 -22.92 -7.44 -17.76
N LEU B 305 -22.75 -8.69 -17.27
CA LEU B 305 -21.68 -9.02 -16.32
C LEU B 305 -20.27 -8.67 -16.84
N PRO B 306 -19.85 -9.07 -18.06
CA PRO B 306 -18.52 -8.66 -18.55
C PRO B 306 -18.33 -7.13 -18.56
N ALA B 307 -19.37 -6.36 -18.94
CA ALA B 307 -19.26 -4.90 -18.92
C ALA B 307 -19.19 -4.39 -17.49
N LEU B 308 -19.91 -5.02 -16.56
CA LEU B 308 -19.88 -4.61 -15.14
C LEU B 308 -18.46 -4.85 -14.60
N ASN B 309 -17.81 -5.96 -14.99
CA ASN B 309 -16.44 -6.24 -14.55
C ASN B 309 -15.50 -5.13 -14.95
N MET B 310 -15.64 -4.64 -16.19
CA MET B 310 -14.81 -3.57 -16.73
C MET B 310 -15.10 -2.23 -16.10
N GLN B 311 -16.40 -1.90 -15.87
CA GLN B 311 -16.74 -0.67 -15.19
C GLN B 311 -16.26 -0.72 -13.73
N ARG B 312 -16.32 -1.91 -13.10
CA ARG B 312 -15.87 -2.12 -11.72
C ARG B 312 -14.35 -1.92 -11.59
N SER B 313 -13.55 -2.41 -12.54
CA SER B 313 -12.10 -2.21 -12.49
C SER B 313 -11.79 -0.70 -12.62
N ARG B 314 -12.59 0.06 -13.37
CA ARG B 314 -12.45 1.50 -13.51
C ARG B 314 -12.83 2.20 -12.20
N ASP B 315 -13.95 1.78 -11.60
CA ASP B 315 -14.44 2.29 -10.33
C ASP B 315 -13.37 2.09 -9.24
N HIS B 316 -12.69 0.93 -9.27
CA HIS B 316 -11.63 0.58 -8.32
C HIS B 316 -10.25 1.19 -8.67
N GLY B 317 -10.17 1.97 -9.74
CA GLY B 317 -8.92 2.60 -10.17
C GLY B 317 -7.83 1.61 -10.55
N LEU B 318 -8.20 0.45 -11.06
CA LEU B 318 -7.19 -0.53 -11.44
C LEU B 318 -6.40 -0.10 -12.68
N PRO B 319 -5.06 -0.24 -12.60
CA PRO B 319 -4.24 0.02 -13.78
C PRO B 319 -4.59 -0.94 -14.92
N GLY B 320 -4.18 -0.58 -16.14
CA GLY B 320 -4.49 -1.35 -17.32
C GLY B 320 -3.62 -2.58 -17.51
N TYR B 321 -3.88 -3.29 -18.58
CA TYR B 321 -3.26 -4.55 -18.95
C TYR B 321 -1.74 -4.54 -18.88
N ASN B 322 -1.06 -3.59 -19.54
CA ASN B 322 0.42 -3.59 -19.59
C ASN B 322 1.06 -3.35 -18.23
N ALA B 323 0.44 -2.54 -17.38
CA ALA B 323 0.94 -2.31 -16.02
C ALA B 323 0.92 -3.61 -15.23
N TRP B 324 -0.13 -4.43 -15.40
CA TRP B 324 -0.21 -5.70 -14.70
C TRP B 324 0.75 -6.73 -15.29
N ARG B 325 0.93 -6.71 -16.62
CA ARG B 325 1.92 -7.57 -17.29
C ARG B 325 3.32 -7.24 -16.73
N ARG B 326 3.64 -5.94 -16.58
CA ARG B 326 4.92 -5.50 -16.05
C ARG B 326 5.10 -5.92 -14.60
N PHE B 327 4.03 -5.81 -13.79
CA PHE B 327 4.01 -6.22 -12.37
C PHE B 327 4.39 -7.71 -12.25
N CYS B 328 3.88 -8.52 -13.20
CA CYS B 328 4.10 -9.96 -13.28
C CYS B 328 5.43 -10.38 -13.90
N GLY B 329 6.19 -9.45 -14.44
CA GLY B 329 7.44 -9.77 -15.13
C GLY B 329 7.21 -10.28 -16.54
N LEU B 330 6.06 -9.95 -17.15
CA LEU B 330 5.70 -10.40 -18.49
C LEU B 330 5.86 -9.27 -19.51
N PRO B 331 6.30 -9.57 -20.74
CA PRO B 331 6.45 -8.51 -21.75
C PRO B 331 5.20 -7.68 -21.99
N GLN B 332 5.38 -6.40 -22.27
CA GLN B 332 4.26 -5.49 -22.47
C GLN B 332 4.17 -5.08 -23.96
N PRO B 333 3.19 -5.62 -24.70
CA PRO B 333 3.07 -5.28 -26.12
C PRO B 333 2.64 -3.83 -26.31
N GLU B 334 3.27 -3.11 -27.24
CA GLU B 334 2.89 -1.71 -27.49
C GLU B 334 2.12 -1.53 -28.81
N THR B 335 2.38 -2.38 -29.79
CA THR B 335 1.72 -2.29 -31.09
C THR B 335 0.66 -3.39 -31.25
N VAL B 336 -0.18 -3.28 -32.29
CA VAL B 336 -1.16 -4.31 -32.58
C VAL B 336 -0.43 -5.61 -32.99
N GLY B 337 0.72 -5.51 -33.67
CA GLY B 337 1.50 -6.68 -34.06
C GLY B 337 2.03 -7.41 -32.84
N GLN B 338 2.56 -6.64 -31.86
CA GLN B 338 3.08 -7.20 -30.63
C GLN B 338 1.94 -7.80 -29.82
N LEU B 339 0.77 -7.13 -29.76
CA LEU B 339 -0.39 -7.68 -29.05
C LEU B 339 -0.84 -8.99 -29.72
N GLY B 340 -0.73 -9.05 -31.05
CA GLY B 340 -1.08 -10.22 -31.84
C GLY B 340 -0.21 -11.40 -31.46
N THR B 341 1.06 -11.15 -31.22
CA THR B 341 2.02 -12.18 -30.84
C THR B 341 1.69 -12.71 -29.46
N VAL B 342 1.33 -11.84 -28.52
CA VAL B 342 0.95 -12.28 -27.16
C VAL B 342 -0.27 -13.17 -27.20
N LEU B 343 -1.25 -12.79 -28.03
CA LEU B 343 -2.49 -13.51 -28.12
C LEU B 343 -2.50 -14.63 -29.14
N ARG B 344 -1.44 -14.81 -29.95
CA ARG B 344 -1.43 -15.74 -31.09
C ARG B 344 -2.67 -15.46 -31.99
N ASN B 345 -3.14 -14.20 -32.02
CA ASN B 345 -4.37 -13.83 -32.69
C ASN B 345 -4.34 -12.33 -33.02
N LEU B 346 -4.07 -12.01 -34.30
CA LEU B 346 -4.02 -10.64 -34.82
C LEU B 346 -5.43 -10.06 -34.97
N LYS B 347 -6.42 -10.88 -35.29
CA LYS B 347 -7.81 -10.40 -35.42
C LYS B 347 -8.32 -9.87 -34.06
N LEU B 348 -8.09 -10.60 -32.97
CA LEU B 348 -8.49 -10.15 -31.63
C LEU B 348 -7.64 -8.95 -31.21
N ALA B 349 -6.35 -8.94 -31.58
CA ALA B 349 -5.49 -7.81 -31.25
C ALA B 349 -6.00 -6.53 -31.89
N ARG B 350 -6.45 -6.60 -33.16
CA ARG B 350 -6.99 -5.46 -33.90
C ARG B 350 -8.30 -4.99 -33.27
N LYS B 351 -9.17 -5.93 -32.82
CA LYS B 351 -10.43 -5.56 -32.19
C LYS B 351 -10.16 -4.87 -30.85
N LEU B 352 -9.17 -5.36 -30.10
CA LEU B 352 -8.81 -4.75 -28.83
C LEU B 352 -8.22 -3.37 -29.04
N MET B 353 -7.36 -3.17 -30.05
CA MET B 353 -6.77 -1.86 -30.33
C MET B 353 -7.84 -0.89 -30.85
N GLU B 354 -8.81 -1.38 -31.64
CA GLU B 354 -9.89 -0.52 -32.12
C GLU B 354 -10.70 0.04 -30.93
N GLN B 355 -10.90 -0.77 -29.88
CA GLN B 355 -11.62 -0.29 -28.71
C GLN B 355 -10.77 0.61 -27.81
N TYR B 356 -9.56 0.15 -27.50
CA TYR B 356 -8.72 0.78 -26.50
C TYR B 356 -7.61 1.71 -26.96
N GLY B 357 -7.19 1.65 -28.21
CA GLY B 357 -6.12 2.48 -28.74
C GLY B 357 -4.73 1.99 -28.42
N THR B 358 -4.53 1.46 -27.22
CA THR B 358 -3.24 0.99 -26.71
C THR B 358 -3.47 -0.16 -25.75
N PRO B 359 -2.59 -1.19 -25.74
CA PRO B 359 -2.74 -2.26 -24.74
C PRO B 359 -2.50 -1.77 -23.30
N ASN B 360 -1.97 -0.53 -23.11
CA ASN B 360 -1.81 0.05 -21.78
C ASN B 360 -3.20 0.29 -21.14
N ASN B 361 -4.26 0.49 -21.97
CA ASN B 361 -5.60 0.82 -21.49
C ASN B 361 -6.58 -0.31 -21.43
N ILE B 362 -6.21 -1.50 -21.89
CA ILE B 362 -7.11 -2.65 -21.85
C ILE B 362 -7.46 -2.96 -20.41
N ASP B 363 -8.77 -3.02 -20.07
CA ASP B 363 -9.18 -3.33 -18.69
C ASP B 363 -8.64 -4.70 -18.28
N ILE B 364 -8.19 -4.83 -17.02
CA ILE B 364 -7.56 -6.06 -16.54
C ILE B 364 -8.39 -7.34 -16.84
N TRP B 365 -9.72 -7.36 -16.58
CA TRP B 365 -10.50 -8.59 -16.86
C TRP B 365 -10.47 -8.92 -18.35
N MET B 366 -10.71 -7.92 -19.20
CA MET B 366 -10.75 -8.09 -20.65
C MET B 366 -9.43 -8.63 -21.21
N GLY B 367 -8.31 -8.05 -20.80
CA GLY B 367 -7.00 -8.48 -21.27
C GLY B 367 -6.63 -9.85 -20.73
N GLY B 368 -6.93 -10.07 -19.46
CA GLY B 368 -6.65 -11.34 -18.80
C GLY B 368 -7.35 -12.52 -19.45
N VAL B 369 -8.68 -12.39 -19.73
CA VAL B 369 -9.42 -13.50 -20.34
C VAL B 369 -9.18 -13.65 -21.85
N SER B 370 -8.53 -12.67 -22.49
CA SER B 370 -8.18 -12.76 -23.91
C SER B 370 -6.92 -13.59 -24.17
N GLU B 371 -6.08 -13.77 -23.14
CA GLU B 371 -4.82 -14.51 -23.32
C GLU B 371 -5.03 -15.98 -23.57
N PRO B 372 -4.23 -16.59 -24.47
CA PRO B 372 -4.31 -18.04 -24.66
C PRO B 372 -4.06 -18.74 -23.34
N LEU B 373 -4.77 -19.82 -23.10
CA LEU B 373 -4.70 -20.54 -21.83
C LEU B 373 -3.40 -21.32 -21.69
N LYS B 374 -2.88 -21.37 -20.46
CA LYS B 374 -1.70 -22.17 -20.16
C LYS B 374 -2.02 -23.64 -20.33
N ARG B 375 -1.02 -24.47 -20.66
CA ARG B 375 -1.22 -25.91 -20.85
C ARG B 375 -1.77 -26.52 -19.54
N LYS B 376 -2.88 -27.26 -19.66
CA LYS B 376 -3.61 -27.88 -18.53
C LYS B 376 -4.14 -26.87 -17.50
N GLY B 377 -4.24 -25.60 -17.90
CA GLY B 377 -4.82 -24.56 -17.07
C GLY B 377 -5.96 -23.87 -17.81
N ARG B 378 -6.68 -22.99 -17.12
CA ARG B 378 -7.82 -22.29 -17.73
C ARG B 378 -7.71 -20.76 -17.62
N VAL B 379 -6.48 -20.26 -17.47
CA VAL B 379 -6.12 -18.85 -17.49
C VAL B 379 -4.80 -18.74 -18.23
N GLY B 380 -4.54 -17.58 -18.80
CA GLY B 380 -3.25 -17.29 -19.42
C GLY B 380 -2.23 -16.86 -18.38
N PRO B 381 -1.04 -16.46 -18.85
CA PRO B 381 0.04 -16.08 -17.93
C PRO B 381 -0.25 -14.92 -16.96
N LEU B 382 -1.00 -13.90 -17.41
CA LEU B 382 -1.28 -12.75 -16.55
C LEU B 382 -2.23 -13.13 -15.40
N LEU B 383 -3.37 -13.77 -15.69
CA LEU B 383 -4.29 -14.15 -14.63
C LEU B 383 -3.65 -15.23 -13.75
N ALA B 384 -2.80 -16.13 -14.31
CA ALA B 384 -2.12 -17.14 -13.49
C ALA B 384 -1.21 -16.47 -12.46
N CYS B 385 -0.55 -15.38 -12.85
CA CYS B 385 0.31 -14.67 -11.91
C CYS B 385 -0.50 -14.03 -10.79
N ILE B 386 -1.54 -13.27 -11.13
CA ILE B 386 -2.34 -12.59 -10.11
C ILE B 386 -3.01 -13.58 -9.18
N ILE B 387 -3.65 -14.63 -9.75
CA ILE B 387 -4.34 -15.63 -8.95
C ILE B 387 -3.37 -16.45 -8.10
N GLY B 388 -2.29 -16.93 -8.70
CA GLY B 388 -1.28 -17.71 -7.99
C GLY B 388 -0.65 -16.93 -6.85
N THR B 389 -0.26 -15.67 -7.11
CA THR B 389 0.30 -14.79 -6.08
C THR B 389 -0.69 -14.60 -4.91
N GLN B 390 -1.98 -14.32 -5.22
CA GLN B 390 -2.99 -14.18 -4.15
C GLN B 390 -3.09 -15.45 -3.29
N PHE B 391 -3.26 -16.64 -3.92
CA PHE B 391 -3.45 -17.87 -3.15
C PHE B 391 -2.21 -18.28 -2.35
N ARG B 392 -1.01 -17.86 -2.78
CA ARG B 392 0.17 -18.17 -1.99
C ARG B 392 0.17 -17.33 -0.70
N LYS B 393 -0.22 -16.06 -0.80
CA LYS B 393 -0.28 -15.20 0.40
C LYS B 393 -1.37 -15.70 1.38
N LEU B 394 -2.52 -16.18 0.83
CA LEU B 394 -3.59 -16.72 1.67
C LEU B 394 -3.16 -18.01 2.41
N ARG B 395 -2.23 -18.75 1.83
CA ARG B 395 -1.74 -19.98 2.41
C ARG B 395 -0.59 -19.72 3.40
N ASP B 396 0.49 -19.05 2.94
CA ASP B 396 1.66 -18.80 3.78
C ASP B 396 1.44 -17.76 4.87
N GLY B 397 0.45 -16.89 4.68
CA GLY B 397 0.14 -15.87 5.68
C GLY B 397 -1.05 -16.20 6.57
N ASP B 398 -1.48 -17.47 6.57
CA ASP B 398 -2.60 -17.91 7.39
C ASP B 398 -2.07 -18.73 8.56
N ARG B 399 -2.20 -18.20 9.78
CA ARG B 399 -1.75 -18.89 10.99
C ARG B 399 -2.54 -20.19 11.25
N PHE B 400 -3.79 -20.25 10.75
CA PHE B 400 -4.60 -21.44 10.92
C PHE B 400 -4.65 -22.31 9.68
N TRP B 401 -3.61 -22.24 8.80
CA TRP B 401 -3.51 -23.12 7.61
C TRP B 401 -3.48 -24.57 8.12
N TRP B 402 -4.27 -25.49 7.54
CA TRP B 402 -4.42 -26.85 8.06
C TRP B 402 -3.10 -27.61 8.29
N GLU B 403 -2.04 -27.30 7.52
CA GLU B 403 -0.74 -27.96 7.73
C GLU B 403 0.18 -27.24 8.71
N ASN B 404 -0.23 -26.06 9.22
CA ASN B 404 0.61 -25.32 10.16
C ASN B 404 0.64 -26.08 11.48
N GLU B 405 1.84 -26.23 12.04
CA GLU B 405 1.99 -26.95 13.31
C GLU B 405 1.16 -26.28 14.42
N GLY B 406 0.46 -27.11 15.18
CA GLY B 406 -0.39 -26.61 16.25
C GLY B 406 -1.85 -26.49 15.89
N VAL B 407 -2.18 -26.51 14.58
CA VAL B 407 -3.58 -26.40 14.17
C VAL B 407 -4.26 -27.76 14.34
N PHE B 408 -3.70 -28.79 13.76
CA PHE B 408 -4.17 -30.16 13.92
C PHE B 408 -3.00 -31.04 14.40
N SER B 409 -3.30 -32.24 14.92
CA SER B 409 -2.22 -33.17 15.26
C SER B 409 -1.76 -33.83 13.94
N MET B 410 -0.65 -34.56 13.96
CA MET B 410 -0.16 -35.26 12.76
C MET B 410 -1.19 -36.30 12.31
N GLN B 411 -1.78 -37.01 13.26
CA GLN B 411 -2.80 -38.01 12.98
C GLN B 411 -4.02 -37.35 12.32
N GLN B 412 -4.47 -36.18 12.81
CA GLN B 412 -5.61 -35.48 12.20
C GLN B 412 -5.25 -35.01 10.79
N ARG B 413 -4.02 -34.53 10.57
CA ARG B 413 -3.57 -34.12 9.23
C ARG B 413 -3.61 -35.29 8.25
N GLN B 414 -3.17 -36.49 8.71
CA GLN B 414 -3.18 -37.70 7.88
C GLN B 414 -4.61 -38.11 7.54
N ALA B 415 -5.53 -37.96 8.49
CA ALA B 415 -6.93 -38.30 8.25
C ALA B 415 -7.55 -37.31 7.26
N LEU B 416 -7.23 -36.02 7.40
CA LEU B 416 -7.75 -34.95 6.53
C LEU B 416 -7.28 -35.09 5.09
N ALA B 417 -6.08 -35.66 4.86
CA ALA B 417 -5.57 -35.86 3.51
C ALA B 417 -6.45 -36.80 2.66
N GLN B 418 -7.34 -37.58 3.30
CA GLN B 418 -8.23 -38.51 2.62
C GLN B 418 -9.56 -37.88 2.18
N ILE B 419 -9.86 -36.63 2.59
CA ILE B 419 -11.12 -36.01 2.20
C ILE B 419 -11.16 -35.69 0.71
N SER B 420 -12.35 -35.57 0.16
CA SER B 420 -12.54 -35.13 -1.21
C SER B 420 -13.97 -34.60 -1.39
N LEU B 421 -14.18 -33.77 -2.40
CA LEU B 421 -15.51 -33.25 -2.69
C LEU B 421 -16.50 -34.38 -3.04
N PRO B 422 -16.15 -35.40 -3.87
CA PRO B 422 -17.11 -36.52 -4.10
C PRO B 422 -17.53 -37.21 -2.80
N ARG B 423 -16.61 -37.34 -1.83
CA ARG B 423 -16.92 -38.00 -0.55
C ARG B 423 -17.92 -37.14 0.25
N ILE B 424 -17.74 -35.82 0.25
CA ILE B 424 -18.68 -34.91 0.92
C ILE B 424 -20.08 -35.05 0.32
N ILE B 425 -20.16 -35.18 -1.01
CA ILE B 425 -21.44 -35.37 -1.71
C ILE B 425 -22.08 -36.70 -1.28
N CYS B 426 -21.28 -37.79 -1.22
CA CYS B 426 -21.74 -39.11 -0.79
C CYS B 426 -22.37 -39.10 0.60
N ASP B 427 -21.68 -38.42 1.54
CA ASP B 427 -22.03 -38.39 2.95
C ASP B 427 -23.22 -37.51 3.27
N ASN B 428 -23.55 -36.55 2.40
CA ASN B 428 -24.59 -35.57 2.71
C ASN B 428 -25.73 -35.48 1.73
N THR B 429 -25.81 -36.39 0.77
CA THR B 429 -26.90 -36.35 -0.24
C THR B 429 -27.43 -37.78 -0.48
N GLY B 430 -28.46 -37.92 -1.33
CA GLY B 430 -28.96 -39.22 -1.73
C GLY B 430 -28.23 -39.75 -2.96
N ILE B 431 -27.16 -39.08 -3.43
CA ILE B 431 -26.40 -39.52 -4.60
C ILE B 431 -25.41 -40.60 -4.18
N THR B 432 -25.40 -41.77 -4.86
CA THR B 432 -24.48 -42.86 -4.51
C THR B 432 -23.42 -43.16 -5.58
N THR B 433 -23.54 -42.56 -6.78
CA THR B 433 -22.55 -42.67 -7.85
C THR B 433 -22.07 -41.25 -8.12
N VAL B 434 -20.78 -40.99 -7.93
CA VAL B 434 -20.22 -39.65 -8.05
C VAL B 434 -19.01 -39.64 -9.00
N SER B 435 -18.53 -38.44 -9.37
CA SER B 435 -17.34 -38.29 -10.21
C SER B 435 -16.13 -38.89 -9.50
N LYS B 436 -15.23 -39.50 -10.28
CA LYS B 436 -13.99 -39.94 -9.71
C LYS B 436 -13.05 -38.73 -9.60
N ASN B 437 -12.08 -38.82 -8.68
CA ASN B 437 -11.09 -37.75 -8.49
C ASN B 437 -10.24 -37.68 -9.76
N ASN B 438 -9.98 -36.48 -10.32
CA ASN B 438 -10.32 -35.16 -9.80
C ASN B 438 -11.72 -34.74 -10.25
N ILE B 439 -12.62 -34.42 -9.30
CA ILE B 439 -14.00 -34.01 -9.62
C ILE B 439 -14.07 -32.82 -10.60
N PHE B 440 -13.06 -31.93 -10.56
CA PHE B 440 -13.01 -30.76 -11.43
C PHE B 440 -12.65 -31.09 -12.87
N MET B 441 -12.11 -32.29 -13.13
CA MET B 441 -11.78 -32.71 -14.47
C MET B 441 -12.88 -33.67 -14.98
N SER B 442 -13.26 -34.65 -14.13
CA SER B 442 -14.32 -35.62 -14.43
C SER B 442 -15.61 -34.91 -14.85
N ASN B 443 -16.21 -35.28 -16.01
CA ASN B 443 -17.42 -34.59 -16.47
C ASN B 443 -18.33 -35.41 -17.36
N SER B 444 -18.05 -36.70 -17.57
CA SER B 444 -18.86 -37.50 -18.47
C SER B 444 -19.34 -38.80 -17.83
N TYR B 445 -20.66 -39.00 -17.76
CA TYR B 445 -21.26 -40.19 -17.19
C TYR B 445 -21.51 -41.20 -18.29
N PRO B 446 -21.19 -42.49 -18.10
CA PRO B 446 -20.61 -43.11 -16.90
C PRO B 446 -19.09 -43.20 -16.88
N ARG B 447 -18.39 -42.82 -17.96
CA ARG B 447 -16.91 -42.93 -18.05
C ARG B 447 -16.15 -42.48 -16.78
N ASP B 448 -16.46 -41.28 -16.27
CA ASP B 448 -15.73 -40.69 -15.16
C ASP B 448 -16.42 -40.84 -13.80
N PHE B 449 -17.27 -41.85 -13.65
CA PHE B 449 -18.07 -42.00 -12.43
C PHE B 449 -17.80 -43.32 -11.71
N VAL B 450 -17.83 -43.28 -10.36
CA VAL B 450 -17.61 -44.44 -9.51
C VAL B 450 -18.63 -44.46 -8.36
N ASN B 451 -18.85 -45.64 -7.76
CA ASN B 451 -19.73 -45.72 -6.61
C ASN B 451 -19.03 -45.15 -5.37
N CYS B 452 -19.83 -44.62 -4.46
CA CYS B 452 -19.38 -44.01 -3.22
C CYS B 452 -18.55 -44.92 -2.33
N SER B 453 -18.79 -46.24 -2.35
CA SER B 453 -18.01 -47.17 -1.51
C SER B 453 -16.54 -47.30 -1.90
N THR B 454 -16.16 -46.86 -3.10
CA THR B 454 -14.76 -46.91 -3.52
C THR B 454 -13.92 -45.76 -2.95
N LEU B 455 -14.56 -44.70 -2.47
CA LEU B 455 -13.86 -43.51 -1.98
C LEU B 455 -13.51 -43.61 -0.51
N PRO B 456 -12.30 -43.16 -0.13
CA PRO B 456 -11.97 -43.10 1.30
C PRO B 456 -12.86 -42.10 2.04
N ALA B 457 -13.18 -42.38 3.30
CA ALA B 457 -14.00 -41.51 4.15
C ALA B 457 -13.12 -40.81 5.22
N LEU B 458 -13.63 -39.75 5.86
CA LEU B 458 -12.87 -39.08 6.90
C LEU B 458 -12.98 -39.89 8.18
N ASN B 459 -11.85 -40.39 8.66
CA ASN B 459 -11.82 -41.15 9.89
C ASN B 459 -11.61 -40.16 11.03
N LEU B 460 -12.60 -40.00 11.92
CA LEU B 460 -12.48 -39.05 13.03
C LEU B 460 -11.86 -39.68 14.30
N ALA B 461 -11.32 -40.91 14.22
CA ALA B 461 -10.77 -41.56 15.43
C ALA B 461 -9.76 -40.71 16.20
N SER B 462 -8.88 -39.98 15.51
CA SER B 462 -7.85 -39.14 16.16
C SER B 462 -8.39 -37.86 16.81
N TRP B 463 -9.71 -37.62 16.74
CA TRP B 463 -10.36 -36.50 17.41
C TRP B 463 -10.89 -36.91 18.82
N ARG B 464 -10.81 -38.20 19.18
CA ARG B 464 -11.30 -38.68 20.48
C ARG B 464 -10.40 -38.17 21.59
N GLU B 465 -11.00 -37.62 22.64
CA GLU B 465 -10.27 -37.03 23.75
C GLU B 465 -10.44 -37.90 24.99
N CYS C 1 -4.46 16.58 -16.32
CA CYS C 1 -3.17 16.00 -16.72
C CYS C 1 -2.84 16.22 -18.18
N PRO C 2 -2.02 17.24 -18.49
CA PRO C 2 -1.68 17.49 -19.90
C PRO C 2 -0.71 16.50 -20.52
N GLU C 3 -0.92 16.20 -21.80
CA GLU C 3 -0.09 15.27 -22.59
C GLU C 3 1.31 15.82 -22.87
N GLN C 4 1.45 17.14 -22.94
CA GLN C 4 2.76 17.75 -23.19
C GLN C 4 2.97 18.85 -22.16
N ASP C 5 4.14 18.86 -21.52
CA ASP C 5 4.52 19.88 -20.54
C ASP C 5 6.03 20.15 -20.60
N LYS C 6 6.50 21.19 -19.91
CA LYS C 6 7.93 21.57 -19.95
C LYS C 6 8.53 21.72 -18.57
N TYR C 7 7.73 22.11 -17.59
CA TYR C 7 8.19 22.33 -16.24
C TYR C 7 7.40 21.50 -15.25
N ARG C 8 7.94 21.30 -14.05
CA ARG C 8 7.22 20.61 -13.01
C ARG C 8 6.08 21.53 -12.54
N THR C 9 5.02 20.92 -12.01
CA THR C 9 3.99 21.68 -11.32
C THR C 9 4.61 21.95 -9.92
N ILE C 10 4.02 22.89 -9.19
CA ILE C 10 4.48 23.23 -7.85
C ILE C 10 4.14 22.08 -6.87
N THR C 11 2.94 21.51 -7.03
CA THR C 11 2.54 20.42 -6.13
C THR C 11 3.14 19.07 -6.44
N GLY C 12 3.74 18.89 -7.61
CA GLY C 12 4.24 17.58 -8.00
C GLY C 12 3.19 16.75 -8.75
N MET C 13 1.95 17.27 -8.86
CA MET C 13 0.86 16.63 -9.59
C MET C 13 1.30 16.46 -11.07
N CYS C 14 0.90 15.36 -11.72
CA CYS C 14 1.18 15.11 -13.13
C CYS C 14 2.61 14.71 -13.48
N ASN C 15 3.48 14.48 -12.48
CA ASN C 15 4.83 13.98 -12.76
C ASN C 15 4.66 12.54 -13.30
N ASN C 16 3.84 11.72 -12.60
CA ASN C 16 3.50 10.41 -13.10
C ASN C 16 2.15 10.57 -13.79
N ARG C 17 2.10 10.47 -15.11
CA ARG C 17 0.86 10.67 -15.84
C ARG C 17 -0.19 9.57 -15.59
N ARG C 18 0.24 8.34 -15.27
CA ARG C 18 -0.71 7.26 -15.01
C ARG C 18 -1.40 7.34 -13.65
N SER C 19 -0.71 7.82 -12.63
CA SER C 19 -1.28 7.98 -11.29
C SER C 19 -0.79 9.37 -10.87
N PRO C 20 -1.50 10.44 -11.29
CA PRO C 20 -0.94 11.80 -11.15
C PRO C 20 -0.73 12.40 -9.77
N THR C 21 -1.12 11.75 -8.66
CA THR C 21 -0.81 12.31 -7.34
C THR C 21 0.49 11.73 -6.75
N LEU C 22 1.11 10.72 -7.38
CA LEU C 22 2.31 10.09 -6.81
C LEU C 22 3.45 11.05 -6.74
N GLY C 23 3.93 11.29 -5.53
CA GLY C 23 4.99 12.26 -5.29
C GLY C 23 4.47 13.68 -5.14
N ALA C 24 3.15 13.88 -5.28
CA ALA C 24 2.53 15.20 -5.09
C ALA C 24 2.32 15.45 -3.60
N SER C 25 2.25 16.74 -3.24
CA SER C 25 2.11 17.17 -1.85
C SER C 25 0.74 16.92 -1.26
N ASN C 26 0.67 16.80 0.07
CA ASN C 26 -0.58 16.63 0.83
C ASN C 26 -1.31 15.35 0.49
N ARG C 27 -0.54 14.27 0.40
CA ARG C 27 -1.03 12.93 0.14
C ARG C 27 -0.44 11.99 1.20
N ALA C 28 -1.12 10.88 1.47
CA ALA C 28 -0.67 9.90 2.45
C ALA C 28 0.66 9.29 1.99
N PHE C 29 1.52 8.94 2.95
CA PHE C 29 2.78 8.25 2.62
C PHE C 29 2.47 6.88 2.04
N VAL C 30 3.39 6.33 1.25
CA VAL C 30 3.24 4.95 0.82
C VAL C 30 3.81 4.13 2.00
N ARG C 31 3.31 2.90 2.20
CA ARG C 31 3.84 2.03 3.23
C ARG C 31 4.58 0.89 2.56
N TRP C 32 5.75 0.52 3.08
CA TRP C 32 6.50 -0.62 2.57
C TRP C 32 6.18 -1.90 3.36
N LEU C 33 5.64 -1.77 4.58
CA LEU C 33 5.20 -2.87 5.41
C LEU C 33 3.88 -2.45 6.06
N PRO C 34 2.98 -3.39 6.36
CA PRO C 34 1.73 -3.02 7.04
C PRO C 34 2.01 -2.40 8.43
N ALA C 35 1.16 -1.45 8.86
CA ALA C 35 1.33 -0.79 10.14
C ALA C 35 1.08 -1.73 11.32
N GLU C 36 1.71 -1.41 12.45
CA GLU C 36 1.62 -2.15 13.70
C GLU C 36 1.14 -1.23 14.79
N TYR C 37 -0.11 -1.41 15.14
CA TYR C 37 -0.77 -0.64 16.17
C TYR C 37 -1.33 -1.59 17.22
N GLU C 38 -1.50 -1.08 18.44
CA GLU C 38 -2.02 -1.81 19.59
C GLU C 38 -3.36 -2.49 19.28
N ASP C 39 -4.32 -1.75 18.69
CA ASP C 39 -5.62 -2.28 18.33
C ASP C 39 -5.68 -2.73 16.85
N GLY C 40 -4.55 -2.76 16.16
CA GLY C 40 -4.45 -3.16 14.76
C GLY C 40 -4.60 -2.03 13.75
N PHE C 41 -5.30 -0.93 14.13
CA PHE C 41 -5.57 0.12 13.14
C PHE C 41 -5.27 1.57 13.53
N SER C 42 -5.09 1.94 14.84
CA SER C 42 -4.83 3.35 15.15
C SER C 42 -4.05 3.67 16.42
N LEU C 43 -4.21 2.91 17.50
CA LEU C 43 -3.53 3.22 18.78
C LEU C 43 -2.07 2.82 18.76
N PRO C 44 -1.17 3.75 19.10
CA PRO C 44 0.26 3.41 19.05
C PRO C 44 0.68 2.51 20.18
N TYR C 45 1.72 1.67 19.98
CA TYR C 45 2.26 0.86 21.09
C TYR C 45 2.76 1.80 22.20
N GLY C 46 2.40 1.49 23.43
CA GLY C 46 2.71 2.34 24.57
C GLY C 46 1.49 3.14 25.01
N TRP C 47 0.40 3.17 24.19
CA TRP C 47 -0.80 3.93 24.53
C TRP C 47 -1.52 3.40 25.79
N THR C 48 -1.77 2.08 25.86
CA THR C 48 -2.52 1.51 26.98
C THR C 48 -1.63 0.85 28.00
N PRO C 49 -1.72 1.27 29.28
CA PRO C 49 -0.91 0.64 30.34
C PRO C 49 -1.09 -0.87 30.42
N GLY C 50 0.03 -1.58 30.46
CA GLY C 50 0.01 -3.04 30.56
C GLY C 50 -0.11 -3.79 29.25
N VAL C 51 -0.37 -3.09 28.12
CA VAL C 51 -0.49 -3.78 26.83
C VAL C 51 0.90 -4.02 26.23
N LYS C 52 1.28 -5.29 26.13
CA LYS C 52 2.58 -5.66 25.60
C LYS C 52 2.65 -5.59 24.07
N ARG C 53 3.86 -5.60 23.53
CA ARG C 53 4.07 -5.66 22.10
C ARG C 53 4.80 -6.96 21.83
N ASN C 54 4.17 -7.91 21.11
CA ASN C 54 4.85 -9.16 20.75
C ASN C 54 5.46 -9.91 21.95
N GLY C 55 4.74 -9.92 23.07
CA GLY C 55 5.14 -10.62 24.29
C GLY C 55 5.96 -9.83 25.29
N PHE C 56 6.29 -8.57 24.99
CA PHE C 56 7.15 -7.79 25.89
C PHE C 56 6.61 -6.40 26.21
N PRO C 57 6.88 -5.90 27.44
CA PRO C 57 6.44 -4.53 27.76
C PRO C 57 7.08 -3.51 26.82
N VAL C 58 6.36 -2.42 26.52
CA VAL C 58 6.86 -1.37 25.68
C VAL C 58 7.77 -0.48 26.51
N ALA C 59 8.98 -0.23 26.04
CA ALA C 59 9.94 0.61 26.75
C ALA C 59 9.57 2.08 26.56
N LEU C 60 9.65 2.91 27.62
CA LEU C 60 9.38 4.35 27.51
C LEU C 60 10.42 4.94 26.56
N ALA C 61 10.01 5.74 25.55
CA ALA C 61 10.98 6.32 24.61
C ALA C 61 12.05 7.13 25.34
N ARG C 62 11.66 7.85 26.41
CA ARG C 62 12.62 8.65 27.20
C ARG C 62 13.58 7.75 27.99
N ALA C 63 13.12 6.56 28.42
CA ALA C 63 14.01 5.61 29.11
C ALA C 63 15.05 5.05 28.12
N VAL C 64 14.65 4.74 26.88
CA VAL C 64 15.60 4.23 25.88
C VAL C 64 16.63 5.31 25.56
N SER C 65 16.18 6.57 25.44
CA SER C 65 17.08 7.68 25.18
C SER C 65 18.08 7.84 26.36
N ASN C 66 17.59 7.81 27.60
CA ASN C 66 18.45 7.94 28.79
C ASN C 66 19.49 6.83 28.88
N GLU C 67 19.08 5.59 28.61
CA GLU C 67 19.93 4.42 28.81
C GLU C 67 20.83 4.03 27.64
N ILE C 68 20.47 4.43 26.40
CA ILE C 68 21.23 4.05 25.21
C ILE C 68 21.86 5.25 24.49
N VAL C 69 21.08 6.33 24.33
CA VAL C 69 21.51 7.47 23.55
C VAL C 69 22.43 8.42 24.31
N ARG C 70 22.10 8.69 25.56
CA ARG C 70 22.86 9.61 26.39
C ARG C 70 24.35 9.26 26.49
N PHE C 71 25.22 10.25 26.37
CA PHE C 71 26.66 10.08 26.53
C PHE C 71 27.27 11.44 26.98
N PRO C 72 28.45 11.42 27.66
CA PRO C 72 29.05 12.70 28.10
C PRO C 72 29.54 13.52 26.91
N THR C 73 29.03 14.76 26.75
CA THR C 73 29.40 15.67 25.66
C THR C 73 30.90 15.76 25.36
N ASP C 74 31.73 15.84 26.41
CA ASP C 74 33.18 15.94 26.27
C ASP C 74 33.83 14.71 25.61
N GLN C 75 33.11 13.61 25.49
CA GLN C 75 33.59 12.41 24.83
C GLN C 75 33.45 12.48 23.31
N LEU C 76 32.66 13.45 22.77
CA LEU C 76 32.34 13.62 21.34
C LEU C 76 33.51 13.34 20.42
N THR C 77 33.29 12.48 19.40
CA THR C 77 34.35 12.17 18.47
C THR C 77 34.12 12.94 17.19
N PRO C 78 35.04 13.85 16.81
CA PRO C 78 34.87 14.55 15.53
C PRO C 78 35.12 13.57 14.38
N ASP C 79 34.37 13.69 13.29
CA ASP C 79 34.55 12.80 12.14
C ASP C 79 35.67 13.38 11.29
N GLN C 80 36.78 12.68 11.19
CA GLN C 80 37.93 13.13 10.41
C GLN C 80 37.64 13.24 8.91
N GLU C 81 36.59 12.57 8.42
CA GLU C 81 36.30 12.56 6.99
C GLU C 81 34.93 13.13 6.60
N ARG C 82 34.28 13.90 7.50
CA ARG C 82 33.02 14.56 7.15
C ARG C 82 32.98 15.94 7.75
N SER C 83 32.48 16.91 6.99
CA SER C 83 32.33 18.27 7.49
C SER C 83 30.91 18.42 8.06
N LEU C 84 30.69 19.45 8.85
CA LEU C 84 29.35 19.76 9.37
C LEU C 84 28.39 20.10 8.20
N MET C 85 28.92 20.51 7.01
CA MET C 85 28.10 20.69 5.79
C MET C 85 27.44 19.34 5.39
N PHE C 86 28.07 18.19 5.74
CA PHE C 86 27.48 16.87 5.46
C PHE C 86 26.20 16.70 6.26
N MET C 87 26.22 17.14 7.53
CA MET C 87 25.02 17.09 8.36
C MET C 87 23.97 18.07 7.78
N GLN C 88 24.37 19.31 7.50
CA GLN C 88 23.44 20.34 7.09
C GLN C 88 22.77 20.09 5.75
N TRP C 89 23.49 19.53 4.78
CA TRP C 89 22.87 19.19 3.49
C TRP C 89 21.81 18.08 3.71
N GLY C 90 22.06 17.15 4.62
CA GLY C 90 21.08 16.10 4.92
C GLY C 90 19.78 16.66 5.42
N GLN C 91 19.84 17.67 6.32
CA GLN C 91 18.62 18.28 6.85
C GLN C 91 17.93 19.09 5.74
N LEU C 92 18.69 19.87 4.96
CA LEU C 92 18.11 20.64 3.84
C LEU C 92 17.44 19.70 2.83
N LEU C 93 18.08 18.59 2.52
CA LEU C 93 17.56 17.59 1.59
C LEU C 93 16.29 16.96 2.14
N ASP C 94 16.28 16.61 3.43
CA ASP C 94 15.09 16.06 4.11
C ASP C 94 13.91 17.03 3.97
N HIS C 95 14.18 18.33 4.03
CA HIS C 95 13.12 19.34 3.91
C HIS C 95 12.64 19.57 2.47
N ASP C 96 13.27 18.92 1.51
CA ASP C 96 12.77 18.88 0.13
C ASP C 96 11.85 17.62 -0.03
N LEU C 97 12.00 16.60 0.85
CA LEU C 97 11.32 15.33 0.69
C LEU C 97 10.11 15.14 1.56
N ASP C 98 10.22 15.43 2.88
CA ASP C 98 9.06 15.17 3.73
C ASP C 98 8.84 16.14 4.88
N PHE C 99 7.56 16.42 5.14
CA PHE C 99 7.10 17.17 6.29
C PHE C 99 5.80 16.51 6.70
N THR C 100 5.75 15.96 7.90
CA THR C 100 4.58 15.27 8.42
C THR C 100 3.82 16.22 9.33
N PRO C 101 2.67 16.74 8.89
CA PRO C 101 1.95 17.71 9.72
C PRO C 101 1.33 17.12 10.98
N GLU C 102 1.17 17.98 12.00
CA GLU C 102 0.55 17.73 13.29
C GLU C 102 -0.60 18.72 13.48
N PRO C 103 -1.58 18.46 14.37
CA PRO C 103 -2.69 19.42 14.54
C PRO C 103 -2.25 20.76 15.11
N ASN D 2 -5.10 20.17 24.95
CA ASN D 2 -3.96 20.87 24.37
C ASN D 2 -2.66 20.21 24.81
N CYS D 3 -2.01 19.55 23.86
CA CYS D 3 -0.78 18.80 24.03
C CYS D 3 0.40 19.61 24.52
N GLU D 4 0.35 20.95 24.40
CA GLU D 4 1.46 21.78 24.85
C GLU D 4 1.61 21.85 26.37
N THR D 5 0.51 21.92 27.11
CA THR D 5 0.60 22.13 28.56
C THR D 5 -0.02 21.02 29.40
N SER D 6 -0.76 20.11 28.80
CA SER D 6 -1.37 19.01 29.55
C SER D 6 -0.56 17.74 29.39
N CYS D 7 -0.55 16.90 30.42
CA CYS D 7 0.07 15.58 30.36
C CYS D 7 -0.97 14.44 30.18
N VAL D 8 -2.24 14.80 30.00
CA VAL D 8 -3.30 13.83 29.81
C VAL D 8 -3.14 13.21 28.43
N GLN D 9 -3.26 11.89 28.38
CA GLN D 9 -3.18 11.20 27.13
C GLN D 9 -4.58 11.10 26.55
N GLN D 10 -4.94 12.10 25.76
CA GLN D 10 -6.23 12.13 25.09
C GLN D 10 -5.98 12.61 23.67
N PRO D 11 -6.61 12.01 22.66
CA PRO D 11 -6.37 12.45 21.27
C PRO D 11 -6.52 13.95 21.08
N PRO D 12 -5.59 14.61 20.38
CA PRO D 12 -4.48 14.04 19.60
C PRO D 12 -3.13 13.96 20.33
N CYS D 13 -3.13 14.01 21.66
CA CYS D 13 -1.90 13.97 22.45
C CYS D 13 -1.43 12.55 22.70
N PHE D 14 -0.12 12.36 22.66
CA PHE D 14 0.51 11.08 22.99
C PHE D 14 1.80 11.46 23.78
N PRO D 15 1.66 12.10 24.96
CA PRO D 15 2.87 12.58 25.68
C PRO D 15 3.82 11.49 26.11
N LEU D 16 5.12 11.81 26.16
CA LEU D 16 6.12 10.83 26.57
C LEU D 16 6.19 10.86 28.08
N LYS D 17 6.00 9.72 28.72
CA LYS D 17 6.06 9.66 30.19
C LYS D 17 7.52 9.71 30.67
N ILE D 18 7.69 10.15 31.92
CA ILE D 18 9.01 10.34 32.52
C ILE D 18 9.37 9.13 33.38
N PRO D 19 10.51 8.47 33.12
CA PRO D 19 10.89 7.31 33.94
C PRO D 19 11.43 7.73 35.31
N PRO D 20 11.44 6.83 36.30
CA PRO D 20 12.04 7.19 37.61
C PRO D 20 13.54 7.45 37.47
N ASN D 21 14.10 8.30 38.32
CA ASN D 21 15.53 8.62 38.30
C ASN D 21 16.00 9.21 36.96
N ASP D 22 15.14 9.96 36.27
CA ASP D 22 15.52 10.62 35.02
C ASP D 22 16.62 11.66 35.35
N PRO D 23 17.64 11.81 34.50
CA PRO D 23 18.73 12.75 34.82
C PRO D 23 18.34 14.23 34.82
N ARG D 24 17.18 14.59 34.23
CA ARG D 24 16.79 16.00 34.12
C ARG D 24 15.41 16.32 34.69
N ILE D 25 14.42 15.48 34.40
CA ILE D 25 13.05 15.74 34.80
C ILE D 25 12.72 14.99 36.08
N LYS D 26 12.84 15.67 37.21
CA LYS D 26 12.58 15.08 38.51
C LYS D 26 11.09 14.97 38.83
N ASN D 27 10.23 15.77 38.16
CA ASN D 27 8.79 15.68 38.37
C ASN D 27 8.20 14.58 37.50
N GLN D 28 7.81 13.44 38.11
CA GLN D 28 7.24 12.34 37.33
C GLN D 28 5.81 12.59 36.87
N ALA D 29 5.15 13.65 37.39
CA ALA D 29 3.82 14.02 36.91
C ALA D 29 3.91 14.89 35.63
N ASP D 30 5.13 15.35 35.27
CA ASP D 30 5.36 16.10 34.05
C ASP D 30 5.49 15.09 32.87
N CYS D 31 5.76 15.58 31.67
CA CYS D 31 5.90 14.75 30.48
C CYS D 31 6.60 15.59 29.40
N ILE D 32 7.07 14.94 28.34
CA ILE D 32 7.62 15.62 27.18
C ILE D 32 6.45 15.68 26.19
N PRO D 33 6.00 16.88 25.85
CA PRO D 33 4.83 17.01 24.98
C PRO D 33 4.97 16.38 23.60
N PHE D 34 3.86 15.87 23.08
CA PHE D 34 3.86 15.21 21.80
C PHE D 34 2.46 15.20 21.21
N PHE D 35 2.34 15.64 19.96
CA PHE D 35 1.07 15.65 19.23
C PHE D 35 1.19 14.54 18.19
N ARG D 36 0.18 13.67 18.06
CA ARG D 36 0.22 12.63 17.03
C ARG D 36 0.14 13.28 15.65
N SER D 37 0.84 12.73 14.66
CA SER D 37 0.78 13.23 13.29
C SER D 37 -0.66 13.18 12.75
N CSO D 38 -1.06 14.16 11.96
CA CSO D 38 -2.42 14.15 11.41
CB CSO D 38 -2.65 15.30 10.40
SG CSO D 38 -2.35 16.89 11.16
C CSO D 38 -2.68 12.87 10.63
O CSO D 38 -1.82 12.42 9.85
OD CSO D 38 -3.75 17.22 11.88
N PRO D 39 -3.83 12.23 10.87
CA PRO D 39 -4.14 11.01 10.13
C PRO D 39 -4.63 11.33 8.73
N ALA D 40 -4.29 10.47 7.75
CA ALA D 40 -4.73 10.66 6.36
C ALA D 40 -6.25 10.49 6.26
N CYS D 41 -6.84 9.68 7.14
CA CYS D 41 -8.28 9.46 7.16
C CYS D 41 -8.82 9.67 8.57
N PRO D 42 -9.07 10.93 8.96
CA PRO D 42 -9.52 11.19 10.34
C PRO D 42 -10.81 10.50 10.76
N GLY D 43 -10.78 9.93 11.96
CA GLY D 43 -11.92 9.29 12.60
C GLY D 43 -12.31 7.91 12.12
N SER D 44 -11.58 7.38 11.12
CA SER D 44 -11.91 6.07 10.56
C SER D 44 -11.69 4.88 11.47
N ASN D 45 -12.68 4.01 11.47
CA ASN D 45 -12.67 2.70 12.11
C ASN D 45 -12.36 1.58 11.06
N ILE D 46 -12.18 1.94 9.75
CA ILE D 46 -11.95 0.99 8.65
C ILE D 46 -10.48 0.96 8.20
N THR D 47 -9.92 2.13 7.88
CA THR D 47 -8.56 2.21 7.37
C THR D 47 -7.53 2.02 8.45
N ILE D 48 -6.39 1.46 8.09
CA ILE D 48 -5.28 1.36 9.04
C ILE D 48 -4.66 2.76 9.01
N ARG D 49 -4.60 3.43 10.16
CA ARG D 49 -4.11 4.81 10.24
C ARG D 49 -2.76 5.03 9.52
N ASN D 50 -2.73 6.09 8.70
CA ASN D 50 -1.54 6.46 7.96
C ASN D 50 -1.34 7.97 8.11
N GLN D 51 -0.14 8.44 7.82
CA GLN D 51 0.20 9.85 7.97
C GLN D 51 0.36 10.55 6.59
N ILE D 52 0.52 11.87 6.61
CA ILE D 52 0.56 12.69 5.40
C ILE D 52 1.90 13.34 5.14
N ASN D 53 2.27 13.44 3.85
CA ASN D 53 3.45 14.16 3.45
C ASN D 53 2.96 15.47 2.88
N ALA D 54 3.29 16.63 3.51
CA ALA D 54 2.84 17.92 2.99
C ALA D 54 3.69 18.44 1.81
N LEU D 55 4.80 17.75 1.47
CA LEU D 55 5.71 18.22 0.44
C LEU D 55 5.73 17.32 -0.80
N THR D 56 6.33 17.80 -1.89
CA THR D 56 6.52 16.97 -3.08
C THR D 56 7.69 16.05 -2.73
N SER D 57 7.55 14.75 -2.96
CA SER D 57 8.62 13.82 -2.63
C SER D 57 9.86 14.04 -3.52
N PHE D 58 9.67 14.54 -4.75
CA PHE D 58 10.76 14.73 -5.69
C PHE D 58 11.86 15.62 -5.14
N VAL D 59 13.08 15.38 -5.60
CA VAL D 59 14.21 16.22 -5.29
C VAL D 59 14.07 17.35 -6.32
N ASP D 60 13.18 18.31 -6.01
CA ASP D 60 12.86 19.41 -6.94
C ASP D 60 13.07 20.79 -6.34
N ALA D 61 13.86 20.88 -5.26
CA ALA D 61 14.10 22.14 -4.55
C ALA D 61 12.78 22.74 -4.04
N SER D 62 11.81 21.89 -3.67
CA SER D 62 10.55 22.42 -3.13
C SER D 62 10.77 23.15 -1.81
N MET D 63 11.91 22.93 -1.10
CA MET D 63 12.21 23.68 0.12
C MET D 63 12.53 25.18 -0.22
N VAL D 64 12.77 25.49 -1.50
CA VAL D 64 13.01 26.84 -1.97
C VAL D 64 11.70 27.42 -2.54
N TYR D 65 11.02 26.65 -3.41
CA TYR D 65 9.87 27.14 -4.18
C TYR D 65 8.51 26.90 -3.58
N GLY D 66 8.41 25.98 -2.65
CA GLY D 66 7.13 25.65 -2.03
C GLY D 66 6.50 24.45 -2.71
N SER D 67 5.61 23.77 -1.99
CA SER D 67 4.90 22.60 -2.53
C SER D 67 3.41 22.85 -2.75
N GLU D 68 2.93 24.08 -2.49
CA GLU D 68 1.54 24.46 -2.69
C GLU D 68 1.55 25.78 -3.44
N GLU D 69 0.62 25.94 -4.37
CA GLU D 69 0.54 27.11 -5.25
C GLU D 69 0.44 28.46 -4.55
N PRO D 70 -0.41 28.69 -3.49
CA PRO D 70 -0.45 30.05 -2.91
C PRO D 70 0.87 30.46 -2.30
N LEU D 71 1.54 29.54 -1.62
CA LEU D 71 2.86 29.79 -1.05
C LEU D 71 3.88 30.06 -2.16
N ALA D 72 3.89 29.22 -3.22
CA ALA D 72 4.82 29.40 -4.34
C ALA D 72 4.70 30.79 -4.96
N ARG D 73 3.47 31.30 -5.11
CA ARG D 73 3.26 32.63 -5.69
C ARG D 73 3.74 33.71 -4.70
N ASN D 74 3.44 33.53 -3.39
CA ASN D 74 3.85 34.47 -2.35
C ASN D 74 5.36 34.61 -2.22
N LEU D 75 6.10 33.54 -2.53
CA LEU D 75 7.56 33.56 -2.49
C LEU D 75 8.17 34.28 -3.69
N ARG D 76 7.38 34.58 -4.74
CA ARG D 76 7.88 35.25 -5.91
C ARG D 76 7.80 36.76 -5.83
N ASN D 77 8.74 37.41 -6.50
CA ASN D 77 8.73 38.85 -6.62
C ASN D 77 7.87 39.08 -7.87
N MET D 78 6.65 39.53 -7.64
CA MET D 78 5.68 39.76 -8.70
C MET D 78 5.62 41.25 -9.13
N SER D 79 6.52 42.11 -8.63
CA SER D 79 6.53 43.54 -8.96
C SER D 79 7.14 43.86 -10.34
N ASN D 80 7.77 42.87 -10.99
CA ASN D 80 8.40 43.07 -12.29
C ASN D 80 8.42 41.73 -13.09
N GLN D 81 9.04 41.73 -14.28
CA GLN D 81 9.10 40.55 -15.13
C GLN D 81 10.49 39.89 -15.07
N LEU D 82 11.16 39.97 -13.91
CA LEU D 82 12.52 39.43 -13.81
C LEU D 82 12.59 37.96 -13.32
N GLY D 83 11.47 37.36 -12.95
CA GLY D 83 11.42 35.97 -12.52
C GLY D 83 12.12 35.67 -11.21
N LEU D 84 12.21 36.68 -10.35
CA LEU D 84 12.92 36.58 -9.10
C LEU D 84 12.09 36.05 -7.95
N LEU D 85 12.76 35.53 -6.92
CA LEU D 85 12.11 35.17 -5.68
C LEU D 85 12.18 36.44 -4.81
N ALA D 86 11.16 36.66 -3.98
CA ALA D 86 11.11 37.83 -3.12
C ALA D 86 12.23 37.80 -2.08
N VAL D 87 12.77 38.98 -1.75
CA VAL D 87 13.83 39.07 -0.76
C VAL D 87 13.40 39.99 0.39
N ASN D 88 14.10 39.90 1.54
CA ASN D 88 13.82 40.72 2.71
C ASN D 88 13.91 42.20 2.36
N GLN D 89 12.89 42.98 2.71
CA GLN D 89 12.88 44.42 2.40
C GLN D 89 13.39 45.28 3.55
N ARG D 90 13.66 44.69 4.73
CA ARG D 90 14.10 45.44 5.88
C ARG D 90 15.59 45.28 6.14
N PHE D 91 16.16 44.11 5.79
CA PHE D 91 17.56 43.86 6.06
C PHE D 91 18.27 43.18 4.90
N GLN D 92 19.59 43.44 4.82
CA GLN D 92 20.51 42.79 3.87
C GLN D 92 21.72 42.28 4.67
N ASP D 93 22.42 41.31 4.12
CA ASP D 93 23.60 40.68 4.73
C ASP D 93 24.81 41.19 3.96
N ASN D 94 25.40 42.31 4.42
CA ASN D 94 26.54 42.94 3.74
C ASN D 94 26.22 43.20 2.24
N GLY D 95 25.03 43.73 1.98
CA GLY D 95 24.60 44.03 0.62
C GLY D 95 23.97 42.89 -0.16
N ARG D 96 23.89 41.70 0.45
CA ARG D 96 23.32 40.54 -0.20
C ARG D 96 21.96 40.18 0.38
N ALA D 97 21.13 39.50 -0.40
CA ALA D 97 19.76 39.19 -0.03
C ALA D 97 19.57 38.27 1.15
N LEU D 98 18.55 38.54 1.93
CA LEU D 98 18.14 37.64 3.01
C LEU D 98 16.73 37.15 2.64
N LEU D 99 16.29 36.04 3.23
CA LEU D 99 14.94 35.54 3.01
C LEU D 99 13.94 36.58 3.54
N PRO D 100 12.74 36.68 2.95
CA PRO D 100 11.74 37.59 3.53
C PRO D 100 11.28 37.07 4.89
N PHE D 101 10.69 37.93 5.71
CA PHE D 101 10.16 37.48 7.00
C PHE D 101 8.77 36.93 6.76
N ASP D 102 8.38 35.95 7.56
CA ASP D 102 7.03 35.43 7.52
C ASP D 102 6.15 36.38 8.38
N ASN D 103 4.81 36.23 8.31
CA ASN D 103 3.92 37.09 9.09
C ASN D 103 3.08 36.23 10.04
N LEU D 104 3.71 35.40 10.87
CA LEU D 104 3.01 34.55 11.82
C LEU D 104 2.45 35.40 12.94
N HIS D 105 1.24 35.06 13.39
CA HIS D 105 0.61 35.78 14.51
C HIS D 105 1.36 35.41 15.80
N ASP D 106 1.67 34.13 15.93
CA ASP D 106 2.30 33.49 17.05
C ASP D 106 3.69 33.04 16.55
N ASP D 107 4.68 33.91 16.65
CA ASP D 107 6.01 33.64 16.10
C ASP D 107 7.02 33.11 17.13
N PRO D 108 7.56 31.90 16.94
CA PRO D 108 8.55 31.38 17.89
C PRO D 108 9.91 32.10 17.87
N CYS D 109 10.35 32.60 16.70
CA CYS D 109 11.65 33.27 16.60
C CYS D 109 11.74 34.51 17.47
N LEU D 110 10.64 35.25 17.60
CA LEU D 110 10.61 36.46 18.43
C LEU D 110 10.98 36.17 19.87
N LEU D 111 10.67 34.95 20.36
CA LEU D 111 10.93 34.52 21.73
C LEU D 111 12.39 34.29 22.04
N THR D 112 13.20 33.93 21.03
CA THR D 112 14.61 33.63 21.25
C THR D 112 15.45 34.85 21.64
N ASN D 113 14.96 36.07 21.36
CA ASN D 113 15.60 37.31 21.76
C ASN D 113 14.54 38.40 21.77
N ARG D 114 14.10 38.78 22.96
CA ARG D 114 13.05 39.78 23.15
C ARG D 114 13.32 41.11 22.47
N SER D 115 14.46 41.76 22.78
CA SER D 115 14.77 43.06 22.23
C SER D 115 15.04 43.06 20.77
N ALA D 116 15.60 41.96 20.21
CA ALA D 116 15.93 41.93 18.78
C ALA D 116 14.72 42.04 17.89
N ARG D 117 13.60 41.43 18.30
CA ARG D 117 12.36 41.47 17.52
C ARG D 117 12.53 41.06 16.05
N ILE D 118 13.24 39.95 15.83
CA ILE D 118 13.44 39.44 14.48
C ILE D 118 12.55 38.21 14.27
N PRO D 119 11.55 38.30 13.39
CA PRO D 119 10.65 37.16 13.19
C PRO D 119 11.23 36.03 12.34
N CYS D 120 10.45 34.94 12.20
CA CYS D 120 10.80 33.79 11.39
C CYS D 120 10.94 34.19 9.94
N PHE D 121 11.78 33.49 9.21
CA PHE D 121 11.92 33.69 7.78
C PHE D 121 10.85 32.88 7.05
N LEU D 122 10.54 33.30 5.83
CA LEU D 122 9.56 32.65 4.99
C LEU D 122 10.34 32.01 3.83
N ALA D 123 10.18 30.70 3.66
CA ALA D 123 10.85 29.95 2.60
C ALA D 123 9.87 28.86 2.01
N GLY D 124 10.33 28.03 1.04
CA GLY D 124 9.49 27.00 0.46
C GLY D 124 9.06 25.92 1.44
N ASP D 125 9.86 25.69 2.49
CA ASP D 125 9.54 24.73 3.57
C ASP D 125 9.40 25.53 4.89
N THR D 126 8.45 25.16 5.74
CA THR D 126 8.15 25.89 6.97
C THR D 126 9.22 25.84 8.06
N ARG D 127 10.20 24.93 7.96
CA ARG D 127 11.21 24.79 9.01
C ARG D 127 12.49 25.61 8.78
N SER D 128 12.50 26.56 7.84
CA SER D 128 13.71 27.29 7.46
C SER D 128 14.42 28.01 8.59
N SER D 129 13.71 28.39 9.67
CA SER D 129 14.35 29.08 10.79
C SER D 129 14.71 28.14 11.94
N GLU D 130 14.50 26.82 11.82
CA GLU D 130 14.76 25.87 12.91
C GLU D 130 16.19 25.98 13.47
N MET D 131 17.20 26.17 12.63
CA MET D 131 18.58 26.42 13.10
C MET D 131 19.27 27.37 12.08
N PRO D 132 20.13 28.34 12.49
CA PRO D 132 20.68 29.29 11.51
C PRO D 132 21.51 28.67 10.39
N GLU D 133 22.12 27.51 10.61
CA GLU D 133 22.87 26.76 9.59
C GLU D 133 21.92 26.34 8.47
N LEU D 134 20.66 26.00 8.81
CA LEU D 134 19.64 25.62 7.85
C LEU D 134 19.16 26.85 7.12
N THR D 135 18.95 27.95 7.84
CA THR D 135 18.58 29.24 7.25
C THR D 135 19.61 29.70 6.22
N SER D 136 20.90 29.52 6.55
CA SER D 136 22.00 29.90 5.66
C SER D 136 21.94 29.14 4.33
N MET D 137 21.57 27.85 4.37
CA MET D 137 21.45 27.06 3.16
C MET D 137 20.28 27.52 2.30
N HIS D 138 19.14 27.79 2.94
CA HIS D 138 17.96 28.32 2.24
C HIS D 138 18.28 29.67 1.59
N THR D 139 18.98 30.55 2.31
CA THR D 139 19.35 31.86 1.83
C THR D 139 20.31 31.74 0.63
N LEU D 140 21.25 30.80 0.71
CA LEU D 140 22.18 30.55 -0.38
C LEU D 140 21.43 30.18 -1.67
N LEU D 141 20.44 29.27 -1.59
CA LEU D 141 19.68 28.84 -2.77
C LEU D 141 18.73 29.90 -3.30
N LEU D 142 18.19 30.76 -2.42
CA LEU D 142 17.37 31.90 -2.83
C LEU D 142 18.24 32.83 -3.71
N ARG D 143 19.45 33.12 -3.24
CA ARG D 143 20.38 33.97 -3.99
C ARG D 143 20.75 33.31 -5.32
N GLU D 144 20.99 31.99 -5.32
CA GLU D 144 21.36 31.26 -6.53
C GLU D 144 20.25 31.34 -7.57
N HIS D 145 18.98 31.24 -7.15
CA HIS D 145 17.86 31.39 -8.09
C HIS D 145 17.90 32.77 -8.76
N ASN D 146 17.99 33.83 -7.95
CA ASN D 146 18.00 35.18 -8.49
C ASN D 146 19.22 35.45 -9.37
N ARG D 147 20.35 34.83 -9.04
CA ARG D 147 21.57 34.99 -9.83
C ARG D 147 21.36 34.33 -11.23
N LEU D 148 20.72 33.16 -11.26
CA LEU D 148 20.44 32.47 -12.50
C LEU D 148 19.40 33.24 -13.31
N ALA D 149 18.30 33.70 -12.70
CA ALA D 149 17.28 34.49 -13.43
C ALA D 149 17.88 35.77 -14.02
N THR D 150 18.80 36.41 -13.28
CA THR D 150 19.47 37.64 -13.74
C THR D 150 20.33 37.35 -14.98
N GLU D 151 21.11 36.26 -14.93
CA GLU D 151 21.99 35.85 -16.03
C GLU D 151 21.17 35.43 -17.25
N LEU D 152 20.07 34.71 -17.02
CA LEU D 152 19.20 34.27 -18.11
C LEU D 152 18.51 35.45 -18.78
N LYS D 153 18.18 36.51 -18.02
CA LYS D 153 17.56 37.72 -18.58
C LYS D 153 18.53 38.45 -19.51
N SER D 154 19.83 38.54 -19.14
CA SER D 154 20.78 39.22 -20.01
C SER D 154 21.11 38.37 -21.27
N LEU D 155 20.98 37.04 -21.19
CA LEU D 155 21.20 36.15 -22.32
C LEU D 155 19.98 36.12 -23.26
N ASN D 156 18.78 36.15 -22.69
CA ASN D 156 17.52 36.10 -23.42
C ASN D 156 16.61 37.26 -22.97
N PRO D 157 16.88 38.50 -23.47
CA PRO D 157 16.09 39.66 -23.01
C PRO D 157 14.57 39.61 -23.28
N ARG D 158 14.11 38.79 -24.24
CA ARG D 158 12.68 38.68 -24.52
C ARG D 158 11.95 37.72 -23.58
N TRP D 159 12.66 36.94 -22.76
CA TRP D 159 11.99 36.01 -21.85
C TRP D 159 11.22 36.80 -20.80
N ASP D 160 9.94 36.42 -20.57
CA ASP D 160 9.12 37.10 -19.57
C ASP D 160 9.43 36.54 -18.15
N GLY D 161 8.82 37.12 -17.13
CA GLY D 161 9.05 36.69 -15.75
C GLY D 161 8.77 35.22 -15.50
N GLU D 162 7.67 34.70 -16.06
CA GLU D 162 7.32 33.28 -15.88
C GLU D 162 8.41 32.36 -16.43
N ARG D 163 8.91 32.65 -17.63
CA ARG D 163 9.93 31.86 -18.29
C ARG D 163 11.23 31.89 -17.49
N LEU D 164 11.64 33.08 -17.04
CA LEU D 164 12.85 33.26 -16.25
C LEU D 164 12.75 32.49 -14.94
N TYR D 165 11.62 32.62 -14.23
CA TYR D 165 11.40 31.91 -12.96
C TYR D 165 11.48 30.40 -13.19
N GLN D 166 10.75 29.88 -14.20
CA GLN D 166 10.72 28.43 -14.43
C GLN D 166 12.07 27.87 -14.88
N GLU D 167 12.82 28.60 -15.74
CA GLU D 167 14.12 28.13 -16.20
C GLU D 167 15.16 28.14 -15.07
N ALA D 168 15.16 29.18 -14.22
CA ALA D 168 16.08 29.22 -13.07
C ALA D 168 15.69 28.13 -12.06
N ARG D 169 14.39 27.95 -11.81
CA ARG D 169 13.88 26.92 -10.90
C ARG D 169 14.31 25.51 -11.34
N LYS D 170 14.31 25.26 -12.66
CA LYS D 170 14.70 23.98 -13.25
C LYS D 170 16.19 23.71 -12.99
N ILE D 171 17.04 24.77 -13.12
CA ILE D 171 18.47 24.64 -12.88
C ILE D 171 18.73 24.37 -11.41
N VAL D 172 18.06 25.11 -10.51
CA VAL D 172 18.25 24.92 -9.06
C VAL D 172 17.91 23.50 -8.64
N GLY D 173 16.80 22.98 -9.15
CA GLY D 173 16.40 21.60 -8.86
C GLY D 173 17.42 20.58 -9.35
N ALA D 174 18.00 20.79 -10.54
CA ALA D 174 19.03 19.92 -11.10
C ALA D 174 20.29 19.97 -10.24
N MET D 175 20.69 21.18 -9.77
CA MET D 175 21.85 21.33 -8.88
C MET D 175 21.65 20.54 -7.58
N VAL D 176 20.45 20.64 -6.98
CA VAL D 176 20.14 19.87 -5.78
C VAL D 176 20.25 18.35 -6.08
N GLN D 177 19.76 17.90 -7.24
CA GLN D 177 19.85 16.49 -7.64
C GLN D 177 21.31 16.02 -7.81
N ILE D 178 22.15 16.85 -8.46
CA ILE D 178 23.54 16.50 -8.72
C ILE D 178 24.34 16.46 -7.44
N ILE D 179 24.24 17.50 -6.60
CA ILE D 179 24.97 17.52 -5.32
C ILE D 179 24.53 16.31 -4.45
N THR D 180 23.23 16.03 -4.44
CA THR D 180 22.70 14.92 -3.65
C THR D 180 23.19 13.56 -4.10
N TYR D 181 23.06 13.24 -5.41
CA TYR D 181 23.39 11.91 -5.90
C TYR D 181 24.84 11.70 -6.27
N ARG D 182 25.56 12.77 -6.63
CA ARG D 182 26.98 12.62 -7.01
C ARG D 182 27.88 12.76 -5.78
N ASP D 183 27.55 13.69 -4.89
CA ASP D 183 28.44 14.04 -3.79
C ASP D 183 27.98 13.54 -2.43
N TYR D 184 26.69 13.72 -2.11
CA TYR D 184 26.18 13.43 -0.78
C TYR D 184 25.91 11.93 -0.52
N LEU D 185 24.99 11.30 -1.29
CA LEU D 185 24.60 9.89 -1.08
C LEU D 185 25.76 8.90 -1.08
N PRO D 186 26.81 8.99 -1.96
CA PRO D 186 27.91 8.02 -1.86
C PRO D 186 28.59 8.05 -0.50
N LEU D 187 28.62 9.22 0.16
CA LEU D 187 29.24 9.38 1.48
C LEU D 187 28.30 8.97 2.65
N VAL D 188 27.01 8.80 2.36
CA VAL D 188 26.05 8.29 3.33
C VAL D 188 26.10 6.78 3.25
N LEU D 189 25.95 6.21 2.04
CA LEU D 189 25.82 4.77 1.85
C LEU D 189 27.12 4.00 1.84
N GLY D 190 28.18 4.63 1.34
CA GLY D 190 29.43 3.93 1.12
C GLY D 190 29.40 3.33 -0.28
N PRO D 191 30.56 2.95 -0.85
CA PRO D 191 30.58 2.47 -2.23
C PRO D 191 29.75 1.21 -2.56
N THR D 192 29.78 0.16 -1.73
CA THR D 192 29.06 -1.08 -2.07
C THR D 192 27.53 -0.88 -2.05
N ALA D 193 26.98 -0.18 -1.04
CA ALA D 193 25.53 0.08 -1.02
C ALA D 193 25.15 1.05 -2.15
N MET D 194 26.05 1.98 -2.51
CA MET D 194 25.80 2.91 -3.62
C MET D 194 25.62 2.11 -4.92
N ARG D 195 26.44 1.08 -5.17
CA ARG D 195 26.32 0.26 -6.39
C ARG D 195 25.07 -0.61 -6.33
N LYS D 196 24.79 -1.17 -5.16
CA LYS D 196 23.63 -2.03 -4.95
C LYS D 196 22.30 -1.30 -5.12
N TYR D 197 22.10 -0.17 -4.41
CA TYR D 197 20.83 0.53 -4.43
C TYR D 197 20.71 1.60 -5.48
N LEU D 198 21.84 2.17 -5.92
CA LEU D 198 21.81 3.22 -6.92
C LEU D 198 22.70 2.88 -8.10
N PRO D 199 22.35 1.82 -8.88
CA PRO D 199 23.15 1.51 -10.07
C PRO D 199 23.01 2.66 -11.08
N THR D 200 23.87 2.64 -12.09
CA THR D 200 23.91 3.69 -13.14
C THR D 200 22.52 4.02 -13.71
N TYR D 201 22.16 5.30 -13.77
CA TYR D 201 20.86 5.75 -14.28
C TYR D 201 20.71 5.33 -15.73
N ARG D 202 19.53 4.81 -16.10
CA ARG D 202 19.27 4.44 -17.48
C ARG D 202 18.26 5.43 -18.05
N SER D 203 17.01 5.41 -17.55
CA SER D 203 15.98 6.31 -18.03
C SER D 203 14.79 6.39 -17.08
N TYR D 204 13.86 7.32 -17.34
CA TYR D 204 12.66 7.46 -16.53
C TYR D 204 11.81 6.21 -16.64
N ASN D 205 11.34 5.70 -15.51
CA ASN D 205 10.48 4.51 -15.53
C ASN D 205 9.18 4.92 -14.84
N ASP D 206 8.09 5.02 -15.61
CA ASP D 206 6.81 5.47 -15.08
C ASP D 206 6.12 4.46 -14.13
N SER D 207 6.70 3.27 -13.95
CA SER D 207 6.16 2.28 -13.01
C SER D 207 6.89 2.27 -11.65
N VAL D 208 7.83 3.19 -11.45
CA VAL D 208 8.55 3.31 -10.20
C VAL D 208 7.80 4.34 -9.36
N ASP D 209 7.25 3.91 -8.24
CA ASP D 209 6.48 4.76 -7.34
C ASP D 209 7.44 5.73 -6.63
N PRO D 210 7.28 7.06 -6.86
CA PRO D 210 8.22 8.03 -6.26
C PRO D 210 7.82 8.58 -4.88
N ARG D 211 6.75 8.03 -4.27
CA ARG D 211 6.33 8.52 -2.96
C ARG D 211 7.35 8.24 -1.88
N ILE D 212 7.42 9.12 -0.85
CA ILE D 212 8.22 8.86 0.32
C ILE D 212 7.48 7.75 1.10
N ALA D 213 8.20 6.74 1.55
CA ALA D 213 7.62 5.70 2.36
C ALA D 213 7.59 6.21 3.80
N ASN D 214 6.59 5.79 4.57
CA ASN D 214 6.44 6.21 5.96
C ASN D 214 7.73 5.95 6.79
N VAL D 215 8.34 4.78 6.62
CA VAL D 215 9.57 4.45 7.35
C VAL D 215 10.73 5.41 7.08
N PHE D 216 10.85 5.95 5.87
CA PHE D 216 11.95 6.87 5.54
C PHE D 216 11.93 8.12 6.38
N THR D 217 10.73 8.63 6.74
CA THR D 217 10.61 9.84 7.58
C THR D 217 11.28 9.66 8.94
N ASN D 218 11.43 8.40 9.39
CA ASN D 218 12.07 8.09 10.65
C ASN D 218 13.51 7.64 10.42
N ALA D 219 13.74 6.77 9.41
CA ALA D 219 15.09 6.28 9.10
C ALA D 219 16.06 7.40 8.68
N PHE D 220 15.62 8.36 7.85
CA PHE D 220 16.49 9.46 7.42
C PHE D 220 16.87 10.40 8.58
N ARG D 221 16.23 10.24 9.76
CA ARG D 221 16.62 10.96 10.97
C ARG D 221 17.95 10.44 11.53
N TYR D 222 18.67 9.52 10.80
CA TYR D 222 20.02 9.07 11.20
C TYR D 222 20.94 10.31 11.38
N GLY D 223 20.68 11.37 10.61
CA GLY D 223 21.44 12.61 10.61
C GLY D 223 21.50 13.28 11.98
N HIS D 224 20.60 12.93 12.91
CA HIS D 224 20.63 13.49 14.27
C HIS D 224 21.92 13.05 15.02
N THR D 225 22.53 11.93 14.59
CA THR D 225 23.79 11.42 15.16
C THR D 225 25.01 12.22 14.66
N LEU D 226 24.86 13.05 13.61
CA LEU D 226 25.94 13.88 13.05
C LEU D 226 26.01 15.28 13.69
N ILE D 227 24.97 15.66 14.43
CA ILE D 227 24.83 16.98 14.99
C ILE D 227 25.82 17.26 16.10
N GLN D 228 26.56 18.37 15.94
CA GLN D 228 27.49 18.88 16.93
C GLN D 228 26.68 19.71 17.96
N PRO D 229 27.15 19.84 19.22
CA PRO D 229 26.39 20.60 20.22
C PRO D 229 26.53 22.12 20.14
N PHE D 230 27.24 22.65 19.14
CA PHE D 230 27.40 24.09 18.97
C PHE D 230 27.19 24.48 17.51
N MET D 231 26.90 25.78 17.29
CA MET D 231 26.92 26.38 15.96
C MET D 231 28.28 27.11 15.95
N PHE D 232 29.12 26.79 14.97
CA PHE D 232 30.46 27.35 14.87
C PHE D 232 30.49 28.46 13.85
N ARG D 233 31.02 29.61 14.22
CA ARG D 233 31.10 30.75 13.32
C ARG D 233 32.55 31.13 13.16
N LEU D 234 33.01 31.24 11.91
CA LEU D 234 34.41 31.53 11.63
C LEU D 234 34.58 32.78 10.80
N ASP D 235 35.69 33.49 11.01
CA ASP D 235 35.99 34.70 10.24
C ASP D 235 36.62 34.34 8.86
N ASN D 236 37.02 35.35 8.04
CA ASN D 236 37.58 35.10 6.71
C ASN D 236 38.95 34.38 6.72
N ARG D 237 39.55 34.19 7.90
CA ARG D 237 40.76 33.37 8.01
C ARG D 237 40.42 31.96 8.56
N TYR D 238 39.13 31.59 8.63
CA TYR D 238 38.63 30.35 9.16
C TYR D 238 39.05 30.18 10.63
N GLN D 239 39.15 31.29 11.37
CA GLN D 239 39.47 31.30 12.80
C GLN D 239 38.19 31.59 13.57
N PRO D 240 38.12 31.21 14.87
CA PRO D 240 36.91 31.49 15.65
C PRO D 240 36.49 32.97 15.61
N MET D 241 35.24 33.23 15.22
CA MET D 241 34.76 34.61 15.15
C MET D 241 34.25 35.08 16.52
N GLU D 242 35.11 35.81 17.24
CA GLU D 242 34.85 36.34 18.59
C GLU D 242 33.76 37.42 18.59
N PRO D 243 33.00 37.57 19.70
CA PRO D 243 33.13 36.91 21.01
C PRO D 243 32.40 35.58 21.23
N ASN D 244 31.39 35.22 20.40
CA ASN D 244 30.68 33.94 20.60
C ASN D 244 30.87 32.98 19.40
N PRO D 245 32.07 32.41 19.20
CA PRO D 245 32.30 31.55 18.04
C PRO D 245 31.67 30.16 18.10
N ARG D 246 31.26 29.70 19.30
CA ARG D 246 30.65 28.39 19.49
C ARG D 246 29.43 28.56 20.39
N VAL D 247 28.29 28.79 19.80
CA VAL D 247 27.06 28.99 20.55
C VAL D 247 26.38 27.63 20.79
N PRO D 248 26.02 27.33 22.05
CA PRO D 248 25.31 26.07 22.31
C PRO D 248 24.05 25.98 21.45
N LEU D 249 23.80 24.83 20.83
CA LEU D 249 22.66 24.64 19.93
C LEU D 249 21.32 25.03 20.57
N SER D 250 21.18 24.84 21.90
CA SER D 250 19.96 25.23 22.60
C SER D 250 19.72 26.74 22.67
N ARG D 251 20.63 27.54 22.13
CA ARG D 251 20.47 28.97 22.03
C ARG D 251 20.40 29.45 20.57
N VAL D 252 20.34 28.51 19.58
CA VAL D 252 20.26 28.88 18.17
C VAL D 252 18.96 28.43 17.52
N PHE D 253 18.17 27.51 18.14
CA PHE D 253 16.91 27.08 17.50
C PHE D 253 15.95 28.27 17.38
N PHE D 254 15.42 28.51 16.17
CA PHE D 254 14.53 29.64 15.88
C PHE D 254 15.21 31.00 16.10
N ALA D 255 16.54 31.04 16.19
CA ALA D 255 17.25 32.31 16.43
C ALA D 255 17.56 33.03 15.13
N SER D 256 16.51 33.43 14.42
CA SER D 256 16.68 34.17 13.16
C SER D 256 17.44 35.50 13.38
N TRP D 257 17.32 36.08 14.59
CA TRP D 257 18.03 37.31 14.94
C TRP D 257 19.54 37.17 14.81
N ARG D 258 20.08 35.94 14.96
CA ARG D 258 21.52 35.73 14.84
C ARG D 258 21.97 35.92 13.38
N VAL D 259 21.17 35.50 12.41
CA VAL D 259 21.52 35.68 11.00
C VAL D 259 21.50 37.19 10.68
N VAL D 260 20.45 37.87 11.09
CA VAL D 260 20.27 39.29 10.81
C VAL D 260 21.24 40.22 11.54
N LEU D 261 21.43 40.01 12.84
CA LEU D 261 22.19 40.92 13.68
C LEU D 261 23.56 40.41 14.11
N GLU D 262 23.91 39.15 13.84
CA GLU D 262 25.23 38.65 14.24
C GLU D 262 26.13 38.22 13.06
N GLY D 263 26.12 38.97 11.96
CA GLY D 263 27.06 38.73 10.87
C GLY D 263 26.64 38.01 9.59
N GLY D 264 25.36 37.72 9.44
CA GLY D 264 24.88 37.08 8.23
C GLY D 264 25.27 35.63 8.06
N ILE D 265 25.20 35.13 6.83
CA ILE D 265 25.41 33.71 6.59
C ILE D 265 26.86 33.29 6.32
N ASP D 266 27.80 34.24 6.02
CA ASP D 266 29.17 33.84 5.73
C ASP D 266 29.88 33.14 6.89
N PRO D 267 29.88 33.67 8.13
CA PRO D 267 30.57 32.95 9.23
C PRO D 267 29.98 31.56 9.51
N ILE D 268 28.67 31.39 9.26
CA ILE D 268 27.96 30.15 9.46
C ILE D 268 28.36 29.12 8.39
N LEU D 269 28.37 29.52 7.13
CA LEU D 269 28.76 28.64 6.03
C LEU D 269 30.24 28.21 6.21
N ARG D 270 31.12 29.12 6.68
CA ARG D 270 32.53 28.78 6.92
C ARG D 270 32.67 27.77 8.03
N GLY D 271 31.89 27.96 9.10
CA GLY D 271 31.86 27.02 10.22
C GLY D 271 31.40 25.64 9.78
N LEU D 272 30.45 25.56 8.84
CA LEU D 272 29.95 24.27 8.31
C LEU D 272 31.03 23.56 7.47
N MET D 273 31.78 24.33 6.68
CA MET D 273 32.80 23.74 5.83
C MET D 273 34.05 23.31 6.60
N ALA D 274 34.45 24.07 7.61
CA ALA D 274 35.71 23.82 8.30
C ALA D 274 35.62 23.18 9.68
N THR D 275 34.47 22.64 10.05
CA THR D 275 34.31 21.97 11.32
C THR D 275 33.89 20.56 10.98
N PRO D 276 34.44 19.54 11.65
CA PRO D 276 34.00 18.18 11.36
C PRO D 276 32.57 17.95 11.86
N ALA D 277 31.87 17.00 11.23
CA ALA D 277 30.57 16.58 11.73
C ALA D 277 30.88 15.71 12.98
N LYS D 278 29.87 15.44 13.81
CA LYS D 278 30.06 14.52 14.93
C LYS D 278 30.05 13.13 14.29
N LEU D 279 30.90 12.21 14.78
CA LEU D 279 30.88 10.85 14.27
C LEU D 279 29.88 10.05 15.11
N ASN D 280 29.01 9.26 14.46
CA ASN D 280 28.10 8.40 15.18
C ASN D 280 28.97 7.22 15.67
N ARG D 281 29.00 7.00 16.99
CA ARG D 281 29.68 5.84 17.61
C ARG D 281 28.63 5.11 18.48
N GLN D 282 28.78 3.81 18.71
CA GLN D 282 27.78 3.01 19.41
C GLN D 282 27.55 3.43 20.86
N ASN D 283 28.55 4.07 21.47
CA ASN D 283 28.41 4.62 22.82
C ASN D 283 28.38 6.15 22.82
N GLN D 284 28.18 6.79 21.65
CA GLN D 284 28.13 8.26 21.52
C GLN D 284 27.12 8.55 20.39
N ILE D 285 25.85 8.20 20.62
CA ILE D 285 24.87 8.28 19.54
C ILE D 285 24.38 9.70 19.24
N ALA D 286 23.91 10.45 20.24
CA ALA D 286 23.39 11.80 20.02
C ALA D 286 23.61 12.70 21.24
N VAL D 287 23.92 13.99 21.00
CA VAL D 287 24.28 14.97 22.03
C VAL D 287 23.11 15.50 22.85
N ASP D 288 23.42 15.94 24.08
CA ASP D 288 22.40 16.47 25.00
C ASP D 288 21.83 17.82 24.58
N GLU D 289 22.44 18.57 23.65
CA GLU D 289 21.79 19.81 23.16
C GLU D 289 20.48 19.46 22.45
N ILE D 290 20.38 18.29 21.80
CA ILE D 290 19.13 17.87 21.19
C ILE D 290 18.40 16.81 22.04
N ARG D 291 19.12 16.10 22.92
CA ARG D 291 18.55 15.05 23.78
C ARG D 291 17.94 15.60 25.06
N GLU D 292 18.41 16.78 25.51
CA GLU D 292 17.91 17.40 26.73
C GLU D 292 17.33 18.80 26.54
N ARG D 293 17.86 19.56 25.59
CA ARG D 293 17.53 20.97 25.47
C ARG D 293 16.94 21.37 24.12
N LEU D 294 16.36 20.42 23.37
CA LEU D 294 15.74 20.74 22.07
C LEU D 294 14.63 21.79 22.25
N PHE D 295 14.79 22.94 21.57
CA PHE D 295 13.82 24.04 21.58
C PHE D 295 13.52 24.59 22.98
N GLU D 296 14.44 24.44 23.93
CA GLU D 296 14.30 24.92 25.30
C GLU D 296 13.87 26.42 25.42
N GLN D 297 14.32 27.27 24.49
CA GLN D 297 13.99 28.70 24.56
C GLN D 297 12.58 29.04 24.14
N VAL D 298 11.96 28.21 23.31
CA VAL D 298 10.63 28.53 22.81
C VAL D 298 9.51 27.67 23.39
N MET D 299 9.80 26.80 24.35
CA MET D 299 8.79 25.87 24.91
C MET D 299 8.83 25.86 26.45
N ARG D 300 7.80 25.26 27.09
CA ARG D 300 7.79 25.19 28.55
C ARG D 300 8.86 24.25 29.11
N ILE D 301 9.32 23.27 28.31
CA ILE D 301 10.31 22.28 28.74
C ILE D 301 11.17 21.89 27.54
N GLY D 302 12.42 21.53 27.80
CA GLY D 302 13.31 21.10 26.73
C GLY D 302 12.87 19.73 26.23
N LEU D 303 12.90 19.53 24.91
CA LEU D 303 12.51 18.23 24.34
C LEU D 303 13.71 17.28 24.19
N ASP D 304 13.43 16.00 23.86
CA ASP D 304 14.45 14.97 23.67
C ASP D 304 14.22 14.47 22.26
N LEU D 305 15.01 14.96 21.29
CA LEU D 305 14.86 14.57 19.89
C LEU D 305 14.94 13.05 19.65
N PRO D 306 15.97 12.33 20.15
CA PRO D 306 15.99 10.86 19.95
C PRO D 306 14.74 10.17 20.52
N ALA D 307 14.23 10.61 21.67
CA ALA D 307 13.00 10.03 22.23
C ALA D 307 11.80 10.38 21.37
N LEU D 308 11.76 11.60 20.80
CA LEU D 308 10.66 12.01 19.93
C LEU D 308 10.66 11.11 18.68
N ASN D 309 11.85 10.80 18.13
CA ASN D 309 11.94 9.93 16.96
C ASN D 309 11.30 8.58 17.22
N MET D 310 11.55 8.01 18.40
CA MET D 310 11.03 6.73 18.81
C MET D 310 9.54 6.77 19.08
N GLN D 311 9.05 7.83 19.76
CA GLN D 311 7.60 7.97 19.98
C GLN D 311 6.90 8.19 18.63
N ARG D 312 7.54 8.91 17.70
CA ARG D 312 7.01 9.18 16.36
C ARG D 312 6.87 7.90 15.53
N SER D 313 7.86 6.98 15.60
CA SER D 313 7.75 5.72 14.88
C SER D 313 6.59 4.88 15.42
N ARG D 314 6.30 4.97 16.73
CA ARG D 314 5.17 4.32 17.37
C ARG D 314 3.85 4.95 16.91
N ASP D 315 3.80 6.27 16.89
CA ASP D 315 2.65 7.06 16.43
C ASP D 315 2.31 6.68 14.98
N HIS D 316 3.34 6.50 14.14
CA HIS D 316 3.22 6.12 12.73
C HIS D 316 2.98 4.60 12.51
N GLY D 317 2.91 3.81 13.59
CA GLY D 317 2.69 2.37 13.50
C GLY D 317 3.78 1.64 12.76
N LEU D 318 5.02 2.14 12.82
CA LEU D 318 6.11 1.46 12.13
C LEU D 318 6.45 0.14 12.79
N PRO D 319 6.64 -0.89 11.96
CA PRO D 319 7.14 -2.17 12.49
C PRO D 319 8.54 -2.00 13.11
N GLY D 320 8.92 -2.94 13.94
CA GLY D 320 10.19 -2.91 14.62
C GLY D 320 11.37 -3.31 13.76
N TYR D 321 12.54 -3.29 14.38
CA TYR D 321 13.83 -3.54 13.77
C TYR D 321 13.88 -4.81 12.92
N ASN D 322 13.50 -5.99 13.47
CA ASN D 322 13.59 -7.24 12.70
C ASN D 322 12.71 -7.29 11.47
N ALA D 323 11.52 -6.69 11.53
CA ALA D 323 10.64 -6.63 10.36
C ALA D 323 11.29 -5.85 9.23
N TRP D 324 12.00 -4.75 9.56
CA TRP D 324 12.69 -3.97 8.56
C TRP D 324 13.93 -4.68 8.03
N ARG D 325 14.64 -5.40 8.90
CA ARG D 325 15.78 -6.22 8.50
C ARG D 325 15.29 -7.29 7.49
N ARG D 326 14.14 -7.91 7.76
CA ARG D 326 13.57 -8.93 6.88
C ARG D 326 13.15 -8.32 5.54
N PHE D 327 12.56 -7.13 5.58
CA PHE D 327 12.13 -6.38 4.37
C PHE D 327 13.34 -6.15 3.46
N CYS D 328 14.50 -5.83 4.06
CA CYS D 328 15.76 -5.57 3.38
C CYS D 328 16.55 -6.82 2.95
N GLY D 329 16.09 -8.01 3.35
CA GLY D 329 16.81 -9.24 3.03
C GLY D 329 18.00 -9.48 3.96
N LEU D 330 17.99 -8.86 5.15
CA LEU D 330 19.06 -8.97 6.14
C LEU D 330 18.66 -9.91 7.27
N PRO D 331 19.61 -10.68 7.83
CA PRO D 331 19.28 -11.59 8.94
C PRO D 331 18.61 -10.89 10.12
N GLN D 332 17.67 -11.58 10.77
CA GLN D 332 16.93 -11.02 11.88
C GLN D 332 17.37 -11.63 13.23
N PRO D 333 18.19 -10.90 14.01
CA PRO D 333 18.63 -11.43 15.31
C PRO D 333 17.47 -11.65 16.27
N GLU D 334 17.37 -12.84 16.83
CA GLU D 334 16.28 -13.16 17.77
C GLU D 334 16.65 -12.96 19.24
N THR D 335 17.95 -12.96 19.55
CA THR D 335 18.45 -12.94 20.91
C THR D 335 19.63 -11.96 21.08
N VAL D 336 20.12 -11.80 22.31
CA VAL D 336 21.24 -10.92 22.57
C VAL D 336 22.50 -11.42 21.86
N GLY D 337 22.70 -12.73 21.80
CA GLY D 337 23.86 -13.30 21.12
C GLY D 337 23.85 -13.03 19.62
N GLN D 338 22.68 -13.09 18.99
CA GLN D 338 22.56 -12.80 17.55
C GLN D 338 22.66 -11.31 17.27
N LEU D 339 22.10 -10.48 18.17
CA LEU D 339 22.14 -9.03 18.05
C LEU D 339 23.55 -8.51 18.24
N GLY D 340 24.30 -9.12 19.14
CA GLY D 340 25.69 -8.75 19.38
C GLY D 340 26.54 -8.97 18.13
N THR D 341 26.27 -10.07 17.39
CA THR D 341 26.97 -10.36 16.13
C THR D 341 26.60 -9.33 15.05
N VAL D 342 25.30 -9.03 14.90
CA VAL D 342 24.84 -8.06 13.92
C VAL D 342 25.43 -6.68 14.20
N LEU D 343 25.42 -6.23 15.46
CA LEU D 343 25.97 -4.91 15.81
C LEU D 343 27.48 -4.90 16.00
N ARG D 344 28.14 -6.08 16.03
CA ARG D 344 29.58 -6.20 16.39
C ARG D 344 29.87 -5.48 17.71
N ASN D 345 28.93 -5.63 18.66
CA ASN D 345 29.01 -4.96 19.92
C ASN D 345 28.06 -5.66 20.87
N LEU D 346 28.60 -6.60 21.66
CA LEU D 346 27.80 -7.34 22.61
C LEU D 346 27.27 -6.43 23.72
N LYS D 347 28.05 -5.45 24.17
CA LYS D 347 27.60 -4.53 25.23
C LYS D 347 26.35 -3.73 24.82
N LEU D 348 26.32 -3.18 23.59
CA LEU D 348 25.16 -2.44 23.10
C LEU D 348 23.96 -3.38 22.95
N ALA D 349 24.19 -4.59 22.43
CA ALA D 349 23.11 -5.57 22.29
C ALA D 349 22.46 -5.91 23.65
N ARG D 350 23.26 -6.08 24.70
CA ARG D 350 22.71 -6.35 26.04
C ARG D 350 21.84 -5.18 26.55
N LYS D 351 22.30 -3.94 26.31
CA LYS D 351 21.54 -2.76 26.70
C LYS D 351 20.23 -2.68 25.92
N LEU D 352 20.26 -2.96 24.62
CA LEU D 352 19.05 -2.93 23.79
C LEU D 352 18.06 -4.00 24.23
N MET D 353 18.57 -5.20 24.51
CA MET D 353 17.71 -6.29 24.96
C MET D 353 17.07 -5.99 26.32
N GLU D 354 17.80 -5.34 27.23
CA GLU D 354 17.26 -4.96 28.53
C GLU D 354 16.08 -3.98 28.39
N GLN D 355 16.16 -3.07 27.41
CA GLN D 355 15.09 -2.11 27.17
C GLN D 355 13.90 -2.73 26.45
N TYR D 356 14.17 -3.47 25.38
CA TYR D 356 13.14 -3.94 24.48
C TYR D 356 12.63 -5.37 24.63
N GLY D 357 13.40 -6.24 25.27
CA GLY D 357 13.00 -7.64 25.46
C GLY D 357 13.31 -8.51 24.25
N THR D 358 13.06 -7.99 23.03
CA THR D 358 13.28 -8.71 21.79
C THR D 358 13.73 -7.72 20.71
N PRO D 359 14.64 -8.11 19.79
CA PRO D 359 14.98 -7.20 18.69
C PRO D 359 13.82 -6.97 17.72
N ASN D 360 12.72 -7.72 17.85
CA ASN D 360 11.52 -7.47 17.05
C ASN D 360 10.89 -6.11 17.42
N ASN D 361 11.11 -5.64 18.68
CA ASN D 361 10.51 -4.41 19.19
C ASN D 361 11.38 -3.21 19.19
N ILE D 362 12.66 -3.33 18.79
CA ILE D 362 13.55 -2.17 18.77
C ILE D 362 13.00 -1.16 17.77
N ASP D 363 12.77 0.11 18.20
CA ASP D 363 12.26 1.13 17.29
C ASP D 363 13.21 1.32 16.13
N ILE D 364 12.68 1.50 14.91
CA ILE D 364 13.48 1.58 13.70
C ILE D 364 14.67 2.60 13.80
N TRP D 365 14.46 3.84 14.31
CA TRP D 365 15.58 4.79 14.41
C TRP D 365 16.66 4.26 15.33
N MET D 366 16.27 3.76 16.51
CA MET D 366 17.20 3.24 17.50
C MET D 366 18.05 2.08 16.95
N GLY D 367 17.40 1.11 16.31
CA GLY D 367 18.10 -0.04 15.76
C GLY D 367 18.98 0.34 14.59
N GLY D 368 18.46 1.19 13.72
CA GLY D 368 19.20 1.67 12.57
C GLY D 368 20.50 2.38 12.91
N VAL D 369 20.45 3.35 13.85
CA VAL D 369 21.66 4.10 14.24
C VAL D 369 22.61 3.31 15.14
N SER D 370 22.16 2.18 15.68
CA SER D 370 22.98 1.32 16.53
C SER D 370 23.91 0.40 15.71
N GLU D 371 23.59 0.17 14.45
CA GLU D 371 24.36 -0.71 13.59
C GLU D 371 25.73 -0.12 13.27
N PRO D 372 26.75 -0.99 13.12
CA PRO D 372 28.07 -0.49 12.75
C PRO D 372 28.02 0.09 11.33
N LEU D 373 28.83 1.10 11.09
CA LEU D 373 28.80 1.83 9.83
C LEU D 373 29.46 1.08 8.69
N LYS D 374 28.84 1.16 7.50
CA LYS D 374 29.42 0.54 6.32
C LYS D 374 30.73 1.23 5.96
N ARG D 375 31.66 0.50 5.30
CA ARG D 375 32.96 1.06 4.91
C ARG D 375 32.75 2.31 4.03
N LYS D 376 33.36 3.44 4.41
CA LYS D 376 33.23 4.73 3.72
C LYS D 376 31.80 5.29 3.68
N GLY D 377 30.95 4.81 4.58
CA GLY D 377 29.58 5.28 4.74
C GLY D 377 29.33 5.70 6.17
N ARG D 378 28.17 6.30 6.44
CA ARG D 378 27.82 6.76 7.78
C ARG D 378 26.49 6.19 8.30
N VAL D 379 26.07 5.04 7.72
CA VAL D 379 24.90 4.26 8.16
C VAL D 379 25.30 2.80 8.03
N GLY D 380 24.64 1.94 8.79
CA GLY D 380 24.82 0.50 8.68
C GLY D 380 23.95 -0.08 7.57
N PRO D 381 23.94 -1.40 7.46
CA PRO D 381 23.19 -2.06 6.36
C PRO D 381 21.68 -1.81 6.29
N LEU D 382 21.00 -1.71 7.44
CA LEU D 382 19.56 -1.49 7.46
C LEU D 382 19.20 -0.08 6.97
N LEU D 383 19.84 0.96 7.52
CA LEU D 383 19.54 2.33 7.08
C LEU D 383 20.00 2.51 5.63
N ALA D 384 21.10 1.87 5.20
CA ALA D 384 21.55 1.98 3.82
C ALA D 384 20.50 1.41 2.86
N CYS D 385 19.84 0.30 3.27
CA CYS D 385 18.78 -0.26 2.44
C CYS D 385 17.59 0.67 2.32
N ILE D 386 17.04 1.14 3.44
CA ILE D 386 15.89 2.02 3.43
C ILE D 386 16.18 3.32 2.68
N ILE D 387 17.30 3.96 2.99
CA ILE D 387 17.69 5.21 2.35
C ILE D 387 17.98 5.03 0.86
N GLY D 388 18.79 4.02 0.52
CA GLY D 388 19.14 3.71 -0.87
C GLY D 388 17.92 3.38 -1.72
N THR D 389 17.01 2.55 -1.18
CA THR D 389 15.76 2.21 -1.87
C THR D 389 14.91 3.46 -2.12
N GLN D 390 14.77 4.33 -1.10
CA GLN D 390 14.00 5.56 -1.28
C GLN D 390 14.61 6.44 -2.40
N PHE D 391 15.92 6.74 -2.32
CA PHE D 391 16.54 7.62 -3.32
C PHE D 391 16.55 7.04 -4.73
N ARG D 392 16.51 5.71 -4.88
CA ARG D 392 16.43 5.14 -6.23
C ARG D 392 15.03 5.39 -6.78
N LYS D 393 13.99 5.24 -5.93
CA LYS D 393 12.63 5.53 -6.35
C LYS D 393 12.46 7.00 -6.75
N LEU D 394 13.05 7.91 -5.99
CA LEU D 394 12.99 9.35 -6.29
C LEU D 394 13.69 9.72 -7.59
N ARG D 395 14.68 8.94 -7.98
CA ARG D 395 15.45 9.18 -9.18
C ARG D 395 14.79 8.54 -10.41
N ASP D 396 14.55 7.21 -10.35
CA ASP D 396 13.97 6.49 -11.48
C ASP D 396 12.49 6.78 -11.72
N GLY D 397 11.78 7.24 -10.70
CA GLY D 397 10.37 7.57 -10.82
C GLY D 397 10.09 9.05 -10.99
N ASP D 398 11.11 9.84 -11.31
CA ASP D 398 10.97 11.29 -11.51
C ASP D 398 11.06 11.58 -13.00
N ARG D 399 9.96 12.03 -13.59
CA ARG D 399 9.92 12.37 -15.02
C ARG D 399 10.81 13.57 -15.35
N PHE D 400 11.06 14.44 -14.37
CA PHE D 400 11.93 15.59 -14.58
C PHE D 400 13.31 15.39 -14.00
N TRP D 401 13.79 14.14 -13.87
CA TRP D 401 15.17 13.87 -13.42
C TRP D 401 16.12 14.52 -14.44
N TRP D 402 17.13 15.27 -13.97
CA TRP D 402 17.98 16.08 -14.87
C TRP D 402 18.59 15.31 -16.05
N GLU D 403 18.84 13.99 -15.91
CA GLU D 403 19.39 13.20 -17.02
C GLU D 403 18.33 12.57 -17.91
N ASN D 404 17.03 12.71 -17.58
CA ASN D 404 15.97 12.13 -18.38
C ASN D 404 15.91 12.85 -19.71
N GLU D 405 15.83 12.11 -20.82
CA GLU D 405 15.80 12.72 -22.15
C GLU D 405 14.59 13.64 -22.31
N GLY D 406 14.84 14.83 -22.82
CA GLY D 406 13.80 15.83 -22.99
C GLY D 406 13.74 16.88 -21.91
N VAL D 407 14.40 16.63 -20.74
CA VAL D 407 14.36 17.63 -19.66
C VAL D 407 15.34 18.75 -19.96
N PHE D 408 16.59 18.40 -20.26
CA PHE D 408 17.60 19.35 -20.70
C PHE D 408 18.18 18.85 -22.03
N SER D 409 18.85 19.73 -22.78
CA SER D 409 19.53 19.30 -24.00
C SER D 409 20.84 18.62 -23.55
N MET D 410 21.54 17.93 -24.49
CA MET D 410 22.82 17.30 -24.15
C MET D 410 23.84 18.36 -23.71
N GLN D 411 23.84 19.50 -24.41
CA GLN D 411 24.71 20.61 -24.10
C GLN D 411 24.43 21.15 -22.68
N GLN D 412 23.15 21.31 -22.30
CA GLN D 412 22.80 21.76 -20.96
C GLN D 412 23.23 20.72 -19.91
N ARG D 413 23.05 19.42 -20.19
CA ARG D 413 23.49 18.37 -19.27
C ARG D 413 24.99 18.42 -19.03
N GLN D 414 25.78 18.65 -20.11
CA GLN D 414 27.24 18.77 -20.03
C GLN D 414 27.64 19.96 -19.17
N ALA D 415 26.93 21.07 -19.32
CA ALA D 415 27.19 22.27 -18.54
C ALA D 415 26.86 22.03 -17.06
N LEU D 416 25.73 21.37 -16.78
CA LEU D 416 25.26 21.08 -15.42
C LEU D 416 26.21 20.15 -14.66
N ALA D 417 26.91 19.25 -15.38
CA ALA D 417 27.87 18.34 -14.74
C ALA D 417 29.04 19.09 -14.03
N GLN D 418 29.26 20.37 -14.36
CA GLN D 418 30.32 21.20 -13.78
C GLN D 418 29.92 21.90 -12.48
N ILE D 419 28.62 21.85 -12.09
CA ILE D 419 28.21 22.53 -10.87
C ILE D 419 28.76 21.86 -9.62
N SER D 420 28.86 22.62 -8.53
CA SER D 420 29.23 22.06 -7.24
C SER D 420 28.77 23.01 -6.13
N LEU D 421 28.59 22.49 -4.91
CA LEU D 421 28.21 23.31 -3.76
C LEU D 421 29.28 24.39 -3.46
N PRO D 422 30.60 24.11 -3.48
CA PRO D 422 31.57 25.20 -3.26
C PRO D 422 31.43 26.34 -4.27
N ARG D 423 31.08 26.01 -5.52
CA ARG D 423 30.90 27.03 -6.56
C ARG D 423 29.67 27.90 -6.25
N ILE D 424 28.59 27.29 -5.78
CA ILE D 424 27.39 28.04 -5.39
C ILE D 424 27.70 29.02 -4.25
N ILE D 425 28.55 28.59 -3.29
CA ILE D 425 28.98 29.43 -2.18
C ILE D 425 29.80 30.61 -2.70
N CYS D 426 30.74 30.37 -3.64
CA CYS D 426 31.56 31.40 -4.27
C CYS D 426 30.73 32.48 -4.96
N ASP D 427 29.73 32.05 -5.72
CA ASP D 427 28.91 32.92 -6.54
C ASP D 427 27.91 33.75 -5.75
N ASN D 428 27.55 33.33 -4.55
CA ASN D 428 26.48 33.98 -3.80
C ASN D 428 26.84 34.51 -2.43
N THR D 429 28.13 34.50 -2.08
CA THR D 429 28.53 34.97 -0.74
C THR D 429 29.81 35.84 -0.87
N GLY D 430 30.30 36.40 0.24
CA GLY D 430 31.56 37.11 0.26
C GLY D 430 32.73 36.19 0.55
N ILE D 431 32.50 34.86 0.60
CA ILE D 431 33.57 33.89 0.85
C ILE D 431 34.32 33.62 -0.46
N THR D 432 35.66 33.72 -0.46
CA THR D 432 36.47 33.48 -1.67
C THR D 432 37.39 32.25 -1.57
N THR D 433 37.53 31.65 -0.38
CA THR D 433 38.28 30.41 -0.18
C THR D 433 37.28 29.39 0.36
N VAL D 434 37.08 28.29 -0.34
CA VAL D 434 36.06 27.29 0.01
C VAL D 434 36.67 25.87 0.05
N SER D 435 35.90 24.88 0.57
CA SER D 435 36.33 23.49 0.61
C SER D 435 36.55 22.97 -0.80
N LYS D 436 37.52 22.11 -0.97
CA LYS D 436 37.69 21.45 -2.25
C LYS D 436 36.70 20.29 -2.33
N ASN D 437 36.33 19.89 -3.56
CA ASN D 437 35.43 18.76 -3.77
C ASN D 437 36.12 17.50 -3.27
N ASN D 438 35.45 16.62 -2.51
CA ASN D 438 34.04 16.65 -2.13
C ASN D 438 33.83 17.51 -0.87
N ILE D 439 32.99 18.55 -0.95
CA ILE D 439 32.71 19.44 0.19
C ILE D 439 32.24 18.68 1.46
N PHE D 440 31.54 17.54 1.27
CA PHE D 440 31.04 16.75 2.38
C PHE D 440 32.13 15.97 3.12
N MET D 441 33.31 15.79 2.50
CA MET D 441 34.43 15.11 3.12
C MET D 441 35.42 16.15 3.65
N SER D 442 35.72 17.17 2.84
CA SER D 442 36.64 18.26 3.21
C SER D 442 36.19 18.93 4.51
N ASN D 443 37.09 19.07 5.51
CA ASN D 443 36.65 19.66 6.78
C ASN D 443 37.75 20.35 7.58
N SER D 444 38.97 20.48 7.02
CA SER D 444 40.07 21.07 7.77
C SER D 444 40.76 22.19 7.01
N TYR D 445 40.78 23.40 7.58
CA TYR D 445 41.42 24.56 6.97
C TYR D 445 42.85 24.68 7.49
N PRO D 446 43.84 24.94 6.62
CA PRO D 446 43.75 25.17 5.18
C PRO D 446 43.93 23.94 4.30
N ARG D 447 44.26 22.77 4.87
CA ARG D 447 44.51 21.53 4.08
C ARG D 447 43.50 21.25 2.96
N ASP D 448 42.20 21.31 3.27
CA ASP D 448 41.16 20.94 2.32
C ASP D 448 40.49 22.12 1.64
N PHE D 449 41.19 23.26 1.54
CA PHE D 449 40.58 24.47 1.03
C PHE D 449 41.31 25.02 -0.21
N VAL D 450 40.54 25.60 -1.14
CA VAL D 450 41.03 26.18 -2.38
C VAL D 450 40.36 27.52 -2.67
N ASN D 451 41.01 28.36 -3.49
CA ASN D 451 40.39 29.62 -3.88
C ASN D 451 39.29 29.35 -4.93
N CYS D 452 38.29 30.20 -4.93
CA CYS D 452 37.15 30.13 -5.83
C CYS D 452 37.48 30.11 -7.31
N SER D 453 38.58 30.76 -7.73
CA SER D 453 38.96 30.80 -9.14
C SER D 453 39.41 29.45 -9.72
N THR D 454 39.74 28.48 -8.86
CA THR D 454 40.13 27.16 -9.34
C THR D 454 38.93 26.28 -9.73
N LEU D 455 37.71 26.63 -9.27
CA LEU D 455 36.53 25.83 -9.52
C LEU D 455 35.83 26.17 -10.82
N PRO D 456 35.34 25.16 -11.55
CA PRO D 456 34.55 25.44 -12.75
C PRO D 456 33.24 26.14 -12.38
N ALA D 457 32.75 27.03 -13.26
CA ALA D 457 31.48 27.74 -13.07
C ALA D 457 30.42 27.19 -14.05
N LEU D 458 29.13 27.45 -13.78
CA LEU D 458 28.08 27.00 -14.68
C LEU D 458 28.05 27.89 -15.91
N ASN D 459 28.30 27.32 -17.08
CA ASN D 459 28.26 28.07 -18.33
C ASN D 459 26.82 28.00 -18.84
N LEU D 460 26.11 29.13 -18.91
CA LEU D 460 24.73 29.14 -19.40
C LEU D 460 24.60 29.36 -20.89
N ALA D 461 25.69 29.29 -21.67
CA ALA D 461 25.62 29.56 -23.11
C ALA D 461 24.57 28.71 -23.85
N SER D 462 24.44 27.43 -23.51
CA SER D 462 23.47 26.56 -24.18
C SER D 462 22.00 26.83 -23.82
N TRP D 463 21.73 27.82 -22.97
CA TRP D 463 20.38 28.25 -22.63
C TRP D 463 19.90 29.41 -23.55
N ARG D 464 20.78 29.96 -24.41
CA ARG D 464 20.46 31.06 -25.30
C ARG D 464 19.47 30.59 -26.36
N GLU D 465 18.43 31.38 -26.56
CA GLU D 465 17.36 31.04 -27.51
C GLU D 465 17.42 31.99 -28.68
C1 NAG E . 8.52 -14.57 4.90
C2 NAG E . 9.92 -14.93 4.39
C3 NAG E . 10.59 -13.57 4.15
C4 NAG E . 9.83 -12.75 3.11
C5 NAG E . 8.34 -12.64 3.45
C6 NAG E . 7.48 -12.18 2.29
C7 NAG E . 10.72 -17.05 5.35
C8 NAG E . 11.51 -17.69 6.44
N2 NAG E . 10.65 -15.70 5.39
O3 NAG E . 11.93 -13.77 3.72
O4 NAG E . 10.36 -11.44 3.12
O5 NAG E . 7.83 -13.93 3.82
O6 NAG E . 7.80 -12.93 1.11
O7 NAG E . 10.15 -17.70 4.47
C1 NAG E . 10.72 -10.87 1.91
C2 NAG E . 10.69 -9.34 2.08
C3 NAG E . 11.19 -8.72 0.77
C4 NAG E . 12.59 -9.26 0.43
C5 NAG E . 12.52 -10.78 0.30
C6 NAG E . 13.87 -11.42 0.06
C7 NAG E . 8.86 -8.65 3.59
C8 NAG E . 7.39 -8.40 3.70
N2 NAG E . 9.32 -8.94 2.35
O3 NAG E . 11.19 -7.31 0.85
O4 NAG E . 13.07 -8.72 -0.78
O5 NAG E . 12.02 -11.32 1.53
O6 NAG E . 14.74 -11.10 1.12
O7 NAG E . 9.61 -8.57 4.55
C1 BMA E . 14.09 -7.77 -0.71
C2 BMA E . 14.99 -7.90 -1.94
C3 BMA E . 16.05 -6.81 -1.93
C4 BMA E . 15.42 -5.42 -1.74
C5 BMA E . 14.49 -5.40 -0.54
C6 BMA E . 13.73 -4.11 -0.35
O2 BMA E . 14.19 -7.77 -3.12
O3 BMA E . 16.77 -6.84 -3.15
O4 BMA E . 16.45 -4.46 -1.51
O5 BMA E . 13.51 -6.46 -0.67
O6 BMA E . 13.05 -3.69 -1.53
C1 MAN E . 18.15 -6.61 -3.09
C2 MAN E . 18.68 -6.55 -4.54
C3 MAN E . 18.66 -7.94 -5.13
C4 MAN E . 19.48 -8.89 -4.28
C5 MAN E . 18.88 -8.95 -2.88
C6 MAN E . 19.69 -9.79 -1.93
O2 MAN E . 20.02 -6.04 -4.52
O3 MAN E . 19.12 -7.92 -6.48
O4 MAN E . 19.53 -10.19 -4.86
O5 MAN E . 18.83 -7.62 -2.32
O6 MAN E . 19.06 -9.83 -0.65
C1 MAN E . 11.82 -4.33 -1.78
C2 MAN E . 11.85 -4.81 -3.22
C3 MAN E . 11.89 -3.60 -4.14
C4 MAN E . 10.67 -2.70 -3.86
C5 MAN E . 10.64 -2.29 -2.39
C6 MAN E . 9.39 -1.53 -2.02
O2 MAN E . 10.66 -5.56 -3.50
O3 MAN E . 11.91 -4.04 -5.50
O4 MAN E . 10.74 -1.53 -4.67
O5 MAN E . 10.68 -3.48 -1.57
O6 MAN E . 8.23 -2.31 -2.28
C1 FUC E . 7.10 -12.62 -0.05
C2 FUC E . 7.96 -13.01 -1.26
C3 FUC E . 8.13 -14.52 -1.29
C4 FUC E . 6.77 -15.21 -1.32
C5 FUC E . 5.91 -14.75 -0.13
C6 FUC E . 4.48 -15.25 -0.18
O2 FUC E . 9.23 -12.39 -1.22
O3 FUC E . 8.89 -14.89 -2.44
O4 FUC E . 6.14 -14.85 -2.55
O5 FUC E . 5.83 -13.31 -0.11
C1 NAG F . 10.34 -0.27 -14.21
C2 NAG F . 11.01 -1.53 -14.74
C3 NAG F . 10.02 -2.64 -14.38
C4 NAG F . 9.83 -2.73 -12.85
C5 NAG F . 9.46 -1.37 -12.25
C6 NAG F . 9.65 -1.30 -10.75
C7 NAG F . 12.37 -1.11 -16.73
C8 NAG F . 12.44 -1.14 -18.23
N2 NAG F . 11.21 -1.47 -16.18
O3 NAG F . 10.44 -3.89 -14.89
O4 NAG F . 8.77 -3.63 -12.60
O5 NAG F . 10.32 -0.36 -12.79
O6 NAG F . 10.93 -1.79 -10.39
O7 NAG F . 13.33 -0.75 -16.05
C1 NAG F . 8.96 -4.63 -11.66
C2 NAG F . 7.59 -5.02 -11.12
C3 NAG F . 7.80 -6.22 -10.18
C4 NAG F . 8.52 -7.35 -10.92
C5 NAG F . 9.86 -6.86 -11.43
C6 NAG F . 10.60 -7.88 -12.25
C7 NAG F . 6.06 -3.12 -10.92
C8 NAG F . 5.66 -1.93 -10.10
N2 NAG F . 7.01 -3.90 -10.40
O3 NAG F . 6.54 -6.65 -9.67
O4 NAG F . 8.74 -8.46 -10.07
O5 NAG F . 9.64 -5.72 -12.27
O6 NAG F . 9.80 -8.30 -13.35
O7 NAG F . 5.55 -3.35 -12.01
C1 BMA F . 7.92 -9.60 -10.25
C2 BMA F . 8.74 -10.82 -9.86
C3 BMA F . 7.87 -12.07 -9.97
C4 BMA F . 6.57 -11.91 -9.21
C5 BMA F . 5.86 -10.62 -9.61
C6 BMA F . 4.61 -10.32 -8.80
O2 BMA F . 9.19 -10.68 -8.51
O3 BMA F . 8.63 -13.16 -9.47
O4 BMA F . 5.71 -13.00 -9.52
O5 BMA F . 6.75 -9.50 -9.43
O6 BMA F . 4.83 -10.36 -7.39
C1 MAN F . 8.49 -14.41 -10.10
C2 MAN F . 9.31 -15.44 -9.31
C3 MAN F . 10.80 -15.19 -9.54
C4 MAN F . 11.11 -15.26 -11.03
C5 MAN F . 10.31 -14.17 -11.74
C6 MAN F . 10.48 -14.19 -13.24
O2 MAN F . 8.95 -16.75 -9.73
O3 MAN F . 11.59 -16.13 -8.82
O4 MAN F . 12.49 -15.08 -11.26
O5 MAN F . 8.90 -14.36 -11.49
O6 MAN F . 9.75 -13.13 -13.83
C1 MAN F . 5.42 -9.23 -6.83
C2 MAN F . 6.59 -9.69 -5.97
C3 MAN F . 6.06 -10.51 -4.81
C4 MAN F . 5.05 -9.68 -4.00
C5 MAN F . 3.93 -9.16 -4.90
C6 MAN F . 3.00 -8.19 -4.19
O2 MAN F . 7.28 -8.56 -5.46
O3 MAN F . 7.14 -10.94 -3.99
O4 MAN F . 4.49 -10.49 -2.98
O5 MAN F . 4.49 -8.47 -6.03
O6 MAN F . 3.74 -7.09 -3.69
C1 FUC F . 11.22 -1.82 -9.01
C2 FUC F . 12.26 -2.92 -8.76
C3 FUC F . 13.56 -2.54 -9.45
C4 FUC F . 14.05 -1.18 -8.98
C5 FUC F . 12.95 -0.11 -9.19
C6 FUC F . 13.29 1.23 -8.59
O2 FUC F . 11.82 -4.18 -9.23
O3 FUC F . 14.53 -3.54 -9.16
O4 FUC F . 14.36 -1.27 -7.59
O5 FUC F . 11.73 -0.56 -8.56
CL CL G . -4.38 -3.99 -6.53
FE HEC H . -18.99 -13.54 -10.45
CHA HEC H . -18.45 -10.48 -8.88
CHB HEC H . -22.31 -12.74 -10.65
CHC HEC H . -19.81 -16.77 -11.06
CHD HEC H . -15.95 -14.59 -9.24
NA HEC H . -20.10 -11.95 -10.02
C1A HEC H . -19.71 -10.73 -9.45
C2A HEC H . -20.74 -9.78 -9.49
C3A HEC H . -21.80 -10.40 -10.05
C4A HEC H . -21.43 -11.75 -10.27
CMA HEC H . -23.18 -9.79 -10.28
CAA HEC H . -20.67 -8.30 -9.12
CBA HEC H . -20.64 -7.45 -10.47
CGA HEC H . -20.29 -5.96 -10.27
O1A HEC H . -21.13 -5.10 -10.13
O2A HEC H . -19.01 -5.58 -10.21
NB HEC H . -20.65 -14.55 -10.77
C1B HEC H . -21.92 -14.08 -10.84
C2B HEC H . -22.92 -15.09 -11.11
C3B HEC H . -22.21 -16.25 -11.27
C4B HEC H . -20.79 -15.86 -11.02
CMB HEC H . -24.41 -14.83 -11.24
CAB HEC H . -22.69 -17.64 -11.53
CBB HEC H . -23.95 -18.15 -11.34
NC HEC H . -18.07 -15.28 -10.27
C1C HEC H . -18.51 -16.50 -10.73
C2C HEC H . -17.42 -17.44 -10.78
C3C HEC H . -16.32 -16.81 -10.27
C4C HEC H . -16.78 -15.51 -9.88
CMC HEC H . -17.51 -18.85 -11.31
CAC HEC H . -14.91 -17.26 -10.08
CBC HEC H . -14.32 -18.45 -10.39
ND HEC H . -17.57 -12.75 -9.31
C1D HEC H . -16.40 -13.32 -8.90
C2D HEC H . -15.61 -12.41 -8.01
C3D HEC H . -16.31 -11.26 -8.00
C4D HEC H . -17.51 -11.47 -8.78
CMD HEC H . -14.28 -12.71 -7.28
CAD HEC H . -15.99 -10.06 -7.09
CBD HEC H . -16.70 -10.27 -5.73
CGD HEC H . -16.58 -9.04 -4.82
O1D HEC H . -15.54 -8.70 -4.25
O2D HEC H . -17.64 -8.26 -4.59
C1 NAG I . -31.67 -27.30 16.59
C2 NAG I . -32.73 -27.12 15.50
C3 NAG I . -33.96 -27.99 15.78
C4 NAG I . -33.52 -29.45 16.00
C5 NAG I . -32.47 -29.55 17.09
C6 NAG I . -31.91 -30.94 17.25
C7 NAG I . -32.76 -24.98 14.31
C8 NAG I . -33.26 -23.57 14.30
N2 NAG I . -33.13 -25.73 15.36
O3 NAG I . -34.80 -27.92 14.63
O4 NAG I . -34.65 -30.25 16.35
O5 NAG I . -31.35 -28.69 16.74
O6 NAG I . -31.24 -31.37 16.06
O7 NAG I . -32.07 -25.44 13.40
C1 NAG J . -43.88 -21.19 -9.66
C2 NAG J . -43.76 -21.61 -11.12
C3 NAG J . -44.87 -22.64 -11.37
C4 NAG J . -44.66 -23.85 -10.46
C5 NAG J . -44.72 -23.40 -9.00
C6 NAG J . -44.33 -24.51 -8.03
C7 NAG J . -42.92 -19.96 -12.71
C8 NAG J . -43.22 -18.72 -13.50
N2 NAG J . -43.92 -20.46 -11.99
O3 NAG J . -44.84 -23.04 -12.73
O4 NAG J . -45.66 -24.84 -10.72
O5 NAG J . -43.81 -22.32 -8.76
O6 NAG J . -44.83 -24.23 -6.74
O7 NAG J . -41.81 -20.49 -12.74
CA CA K . -12.83 -16.19 4.35
CL CL L . -36.73 -20.79 8.61
C13 UFD M . -25.83 -9.65 -2.59
C18 UFD M . -30.92 -7.03 -4.48
C17 UFD M . -29.40 -6.99 -4.76
C16 UFD M . -26.22 -11.08 -4.91
C15 UFD M . -26.78 -11.51 -3.73
C19 UFD M . -31.72 -6.68 -5.77
C20 UFD M . -31.23 -5.28 -6.24
C21 UFD M . -33.24 -6.66 -5.55
C22 UFD M . -29.85 -7.75 -7.11
C23 UFD M . -31.37 -7.73 -6.86
C24 UFD M . -33.79 -6.81 -4.29
C11 UFD M . -29.72 -5.34 -6.60
C12 UFD M . -25.27 -9.22 -3.77
C27 UFD M . -35.46 -6.65 -6.47
C1 UFD M . -22.54 -8.68 -5.90
C2 UFD M . -21.19 -9.03 -5.85
N1 UFD M . -20.74 -10.25 -6.24
C3 UFD M . -21.63 -11.13 -6.69
C4 UFD M . -23.00 -10.87 -6.73
C5 UFD M . -23.47 -9.62 -6.33
N2 UFD M . -21.50 -12.41 -7.13
N3 UFD M . -22.78 -12.93 -7.43
N4 UFD M . -23.68 -12.04 -7.21
N5 UFD M . -20.25 -8.16 -5.43
C6 UFD M . -24.98 -9.37 -6.28
C7 UFD M . -25.48 -9.91 -4.96
C8 UFD M . -25.45 -7.91 -6.47
C9 UFD M . -26.95 -7.91 -6.73
N6 UFD M . -27.63 -6.64 -6.48
C10 UFD M . -29.12 -6.71 -6.26
C14 UFD M . -26.60 -10.79 -2.57
C25 UFD M . -35.17 -6.89 -4.13
C26 UFD M . -36.00 -6.82 -5.23
C28 UFD M . -34.09 -6.57 -6.64
FE HEC N . 15.66 16.22 12.20
CHA HEC N . 12.30 15.34 12.06
CHB HEC N . 14.83 18.67 14.43
CHC HEC N . 18.65 17.80 11.70
CHD HEC N . 16.16 14.51 9.31
NA HEC N . 14.00 16.79 13.13
C1A HEC N . 12.70 16.26 13.02
C2A HEC N . 11.85 16.77 14.02
C3A HEC N . 12.60 17.66 14.73
C4A HEC N . 13.87 17.72 14.10
CMA HEC N . 12.15 18.46 15.92
CAA HEC N . 10.42 16.34 14.33
CBA HEC N . 10.44 15.51 15.67
CGA HEC N . 9.13 14.72 15.96
O1A HEC N . 8.26 15.13 16.65
O2A HEC N . 8.93 13.52 15.45
NB HEC N . 16.55 17.84 12.90
C1B HEC N . 16.09 18.70 13.81
C2B HEC N . 17.04 19.77 14.15
C3B HEC N . 18.12 19.55 13.37
C4B HEC N . 17.78 18.34 12.60
CMB HEC N . 16.76 20.86 15.16
CAB HEC N . 19.40 20.32 13.23
CBB HEC N . 19.59 21.64 13.50
NC HEC N . 17.11 16.12 10.85
C1C HEC N . 18.34 16.73 10.89
C2C HEC N . 19.24 16.12 9.97
C3C HEC N . 18.54 15.17 9.29
C4C HEC N . 17.19 15.27 9.82
CMC HEC N . 20.70 16.46 9.81
CAC HEC N . 18.93 14.22 8.20
CBC HEC N . 20.12 14.01 7.63
ND HEC N . 14.49 15.22 10.94
C1D HEC N . 14.86 14.58 9.80
C2D HEC N . 13.69 14.01 9.07
C3D HEC N . 12.67 14.15 9.91
C4D HEC N . 13.15 14.94 11.05
CMD HEC N . 13.64 13.31 7.72
CAD HEC N . 11.19 13.87 9.59
CBD HEC N . 10.58 15.10 8.87
CGD HEC N . 9.07 14.95 8.63
O1D HEC N . 8.55 14.20 7.80
O2D HEC N . 8.21 15.62 9.33
C1 NAG O . 11.64 42.79 -6.60
C2 NAG O . 11.97 43.17 -5.16
C3 NAG O . 12.50 44.61 -5.07
C4 NAG O . 13.64 44.81 -6.06
C5 NAG O . 13.20 44.42 -7.47
C6 NAG O . 14.33 44.50 -8.48
C7 NAG O . 10.78 41.97 -3.39
C8 NAG O . 9.55 41.90 -2.54
N2 NAG O . 10.84 42.98 -4.26
O3 NAG O . 12.98 44.81 -3.74
O4 NAG O . 14.07 46.17 -6.06
O5 NAG O . 12.75 43.06 -7.47
O6 NAG O . 15.36 43.58 -8.16
O7 NAG O . 11.69 41.15 -3.28
CA CA P . 10.34 18.10 -3.03
CL CL Q . 10.08 41.48 4.67
C13 UFD R . 7.70 23.85 11.84
C18 UFD R . 5.30 25.39 18.72
C17 UFD R . 5.66 23.99 18.18
C16 UFD R . 10.15 23.64 13.08
C15 UFD R . 9.82 24.78 12.38
C19 UFD R . 6.33 26.44 18.24
C20 UFD R . 6.34 26.43 16.69
C21 UFD R . 5.97 27.82 18.80
C22 UFD R . 8.07 24.59 18.23
C23 UFD R . 7.75 26.02 18.72
C24 UFD R . 6.41 28.23 20.05
C11 UFD R . 6.73 25.02 16.17
C12 UFD R . 8.02 22.70 12.54
C27 UFD R . 4.81 29.93 18.60
C1 UFD R . 8.88 19.28 12.77
C2 UFD R . 9.25 18.29 11.83
N1 UFD R . 10.51 18.15 11.37
C3 UFD R . 11.43 19.02 11.80
C4 UFD R . 11.15 20.05 12.69
C5 UFD R . 9.85 20.19 13.19
N2 UFD R . 12.72 19.20 11.45
N3 UFD R . 13.23 20.31 12.10
N4 UFD R . 12.31 20.82 12.85
N5 UFD R . 8.34 17.41 11.35
C6 UFD R . 9.55 21.40 14.08
C7 UFD R . 9.25 22.59 13.19
C8 UFD R . 8.44 21.24 15.13
C9 UFD R . 8.45 22.46 16.05
N6 UFD R . 7.20 22.63 16.82
C10 UFD R . 6.94 24.04 17.33
C14 UFD R . 8.60 24.89 11.77
C25 UFD R . 6.07 29.47 20.57
C26 UFD R . 5.27 30.32 19.84
C28 UFD R . 5.16 28.70 18.08
#